data_5Y0P
#
_entry.id   5Y0P
#
_cell.length_a   67.995
_cell.length_b   67.999
_cell.length_c   211.168
_cell.angle_alpha   90.000
_cell.angle_beta   90.000
_cell.angle_gamma   90.000
#
_symmetry.space_group_name_H-M   'P 21 21 21'
#
loop_
_entity.id
_entity.type
_entity.pdbx_description
1 polymer 'UPF0348 protein B4417_3650'
2 non-polymer "ADENOSINE-5'-RP-ALPHA-THIO-TRIPHOSPHATE"
3 water water
#
_entity_poly.entity_id   1
_entity_poly.type   'polypeptide(L)'
_entity_poly.pdbx_seq_one_letter_code
;MGSSHHHHHHSSGLVPRGSMKAVGLVVEYNPFHNGHLYHAQTAKLQTGCDTAVAVMSGHFLQRGEPAVVSKWARTKMALQ
SGVDLVIELPYLYAVQKADIFARGSVSILNELECEALFFGSENGDIKPFLETAQLIDEHKHILNDRIKEELKKGASYPAA
AAIAFSSILHTESALDLSKPNNILGYQYVTSILTGGYPMKPYTTARISSDYHDADLPEGENHIASATSIRKAMIGQNLEA
CLRFLPAASARELAAYRKSFGLWHTPESYFSYLKYSLSTVTARELQQVYEVEEGLEHRIIRSIRKSSSYQEFMELLKTKR
YTWTRLQRMNTHILTRTKKQDMQKLLDNDKAPYIRLLGMTKKGQAYLSEKKKALSVPLVSKLSSFSHPALDLDVKASRIY
SLPIEEPLRTEFDLQEYGHAPIRYDEDEQHFLNV
;
_entity_poly.pdbx_strand_id   A,B
#
# COMPACT_ATOMS: atom_id res chain seq x y z
N MET A 20 -40.14 -7.66 27.42
CA MET A 20 -39.48 -7.39 26.15
C MET A 20 -38.13 -8.08 26.08
N LYS A 21 -38.02 -9.09 25.20
CA LYS A 21 -36.92 -10.06 25.26
C LYS A 21 -36.23 -10.26 23.92
N ALA A 22 -34.90 -10.38 23.93
CA ALA A 22 -34.11 -10.28 22.69
C ALA A 22 -33.46 -11.57 22.23
N VAL A 23 -33.56 -11.85 20.93
CA VAL A 23 -32.89 -13.01 20.34
C VAL A 23 -31.70 -12.57 19.50
N GLY A 24 -30.51 -13.00 19.90
CA GLY A 24 -29.30 -12.60 19.21
C GLY A 24 -29.00 -13.47 18.01
N LEU A 25 -28.50 -12.87 16.95
CA LEU A 25 -28.07 -13.62 15.77
C LEU A 25 -26.63 -13.31 15.46
N VAL A 26 -25.86 -14.33 15.12
CA VAL A 26 -24.49 -14.13 14.64
C VAL A 26 -24.53 -14.29 13.13
N VAL A 27 -24.19 -13.22 12.40
CA VAL A 27 -24.40 -13.13 10.95
C VAL A 27 -23.31 -12.33 10.18
N GLU A 28 -22.91 -12.78 9.01
CA GLU A 28 -22.10 -11.91 8.14
C GLU A 28 -22.89 -11.24 7.02
N TYR A 29 -24.07 -11.81 6.72
CA TYR A 29 -24.92 -11.31 5.66
C TYR A 29 -24.18 -10.97 4.37
N ASN A 30 -23.71 -11.97 3.62
CA ASN A 30 -22.86 -11.69 2.45
C ASN A 30 -23.38 -12.22 1.10
N PRO A 31 -24.48 -11.62 0.57
CA PRO A 31 -25.36 -10.61 1.16
C PRO A 31 -26.58 -11.23 1.85
N PHE A 32 -27.49 -10.39 2.34
CA PHE A 32 -28.74 -10.88 2.91
C PHE A 32 -29.63 -11.45 1.80
N HIS A 33 -29.96 -12.73 1.93
CA HIS A 33 -30.88 -13.35 0.98
C HIS A 33 -32.08 -13.93 1.72
N ASN A 34 -33.01 -14.52 0.98
CA ASN A 34 -34.25 -15.02 1.56
C ASN A 34 -34.00 -16.05 2.67
N GLY A 35 -32.83 -16.66 2.67
CA GLY A 35 -32.47 -17.62 3.70
C GLY A 35 -32.04 -17.01 5.00
N HIS A 36 -31.36 -15.88 4.91
CA HIS A 36 -31.03 -15.10 6.10
C HIS A 36 -32.36 -14.60 6.68
N LEU A 37 -33.34 -14.41 5.79
CA LEU A 37 -34.71 -14.03 6.16
C LEU A 37 -35.40 -15.16 6.94
N TYR A 38 -35.27 -16.38 6.42
CA TYR A 38 -35.68 -17.57 7.15
C TYR A 38 -35.08 -17.57 8.55
N HIS A 39 -33.76 -17.40 8.62
CA HIS A 39 -33.04 -17.36 9.90
C HIS A 39 -33.64 -16.39 10.90
N ALA A 40 -33.81 -15.14 10.46
CA ALA A 40 -34.32 -14.08 11.32
C ALA A 40 -35.75 -14.32 11.83
N GLN A 41 -36.65 -14.63 10.91
CA GLN A 41 -38.07 -14.78 11.26
C GLN A 41 -38.33 -16.07 12.07
N THR A 42 -37.65 -17.15 11.70
CA THR A 42 -37.63 -18.38 12.48
C THR A 42 -37.05 -18.13 13.87
N ALA A 43 -36.02 -17.30 13.95
CA ALA A 43 -35.43 -16.91 15.22
C ALA A 43 -36.48 -16.31 16.13
N LYS A 44 -37.03 -15.18 15.72
CA LYS A 44 -38.06 -14.50 16.52
C LYS A 44 -39.21 -15.43 16.89
N LEU A 45 -39.59 -16.30 15.96
CA LEU A 45 -40.76 -17.14 16.18
C LEU A 45 -40.48 -18.29 17.15
N GLN A 46 -39.31 -18.89 17.01
CA GLN A 46 -38.92 -20.05 17.80
C GLN A 46 -38.45 -19.72 19.20
N THR A 47 -37.75 -18.60 19.36
CA THR A 47 -37.26 -18.22 20.68
C THR A 47 -38.36 -17.53 21.46
N GLY A 48 -39.34 -16.98 20.75
CA GLY A 48 -40.41 -16.23 21.37
C GLY A 48 -39.99 -14.81 21.71
N CYS A 49 -38.97 -14.30 21.04
CA CYS A 49 -38.48 -12.95 21.29
C CYS A 49 -39.06 -11.99 20.26
N ASP A 50 -39.43 -10.78 20.67
CA ASP A 50 -40.03 -9.84 19.74
C ASP A 50 -38.97 -8.95 19.08
N THR A 51 -37.71 -9.15 19.47
CA THR A 51 -36.60 -8.33 18.99
C THR A 51 -35.41 -9.18 18.53
N ALA A 52 -35.03 -9.05 17.26
CA ALA A 52 -33.82 -9.70 16.78
C ALA A 52 -32.64 -8.72 16.68
N VAL A 53 -31.59 -9.03 17.45
CA VAL A 53 -30.34 -8.28 17.42
C VAL A 53 -29.28 -9.11 16.68
N ALA A 54 -28.74 -8.55 15.61
CA ALA A 54 -27.72 -9.25 14.86
C ALA A 54 -26.37 -8.60 15.05
N VAL A 55 -25.36 -9.38 15.40
CA VAL A 55 -24.00 -8.85 15.44
C VAL A 55 -23.32 -9.29 14.14
N MET A 56 -22.77 -8.34 13.38
CA MET A 56 -22.32 -8.64 12.03
C MET A 56 -20.89 -8.23 11.71
N SER A 57 -20.16 -9.13 11.07
CA SER A 57 -18.85 -8.78 10.55
C SER A 57 -19.06 -7.73 9.48
N GLY A 58 -18.43 -6.57 9.62
CA GLY A 58 -18.68 -5.52 8.66
C GLY A 58 -18.02 -5.60 7.30
N HIS A 59 -16.72 -5.30 7.21
CA HIS A 59 -16.12 -5.26 5.88
C HIS A 59 -15.14 -6.36 5.56
N PHE A 60 -14.81 -7.18 6.54
CA PHE A 60 -13.96 -8.32 6.31
C PHE A 60 -14.49 -9.45 7.18
N LEU A 61 -14.63 -10.62 6.57
CA LEU A 61 -15.43 -11.68 7.16
C LEU A 61 -14.60 -12.82 7.72
N GLN A 62 -15.28 -13.82 8.26
CA GLN A 62 -14.66 -14.83 9.10
C GLN A 62 -13.61 -15.65 8.37
N ARG A 63 -13.81 -15.80 7.07
CA ARG A 63 -12.98 -16.68 6.29
C ARG A 63 -11.84 -15.90 5.64
N GLY A 64 -11.75 -14.61 5.97
CA GLY A 64 -10.65 -13.77 5.57
C GLY A 64 -10.83 -12.98 4.27
N GLU A 65 -12.06 -12.78 3.82
CA GLU A 65 -12.27 -12.10 2.54
C GLU A 65 -13.07 -10.80 2.72
N PRO A 66 -13.18 -9.98 1.65
CA PRO A 66 -13.97 -8.74 1.79
C PRO A 66 -15.48 -8.90 1.62
N ALA A 67 -16.25 -8.06 2.29
CA ALA A 67 -17.67 -7.95 1.98
C ALA A 67 -17.86 -7.37 0.57
N VAL A 68 -18.90 -7.81 -0.12
CA VAL A 68 -19.15 -7.41 -1.50
C VAL A 68 -19.84 -6.04 -1.58
N VAL A 69 -20.24 -5.53 -0.43
CA VAL A 69 -20.94 -4.27 -0.38
C VAL A 69 -20.74 -3.72 1.03
N SER A 70 -20.83 -2.40 1.19
CA SER A 70 -20.56 -1.76 2.47
C SER A 70 -21.50 -2.22 3.56
N LYS A 71 -21.03 -2.16 4.79
CA LYS A 71 -21.81 -2.61 5.93
C LYS A 71 -22.99 -1.66 6.19
N TRP A 72 -22.92 -0.45 5.66
CA TRP A 72 -24.01 0.49 5.80
C TRP A 72 -25.18 0.04 4.95
N ALA A 73 -24.85 -0.39 3.73
CA ALA A 73 -25.85 -0.91 2.83
C ALA A 73 -26.51 -2.16 3.41
N ARG A 74 -25.71 -3.17 3.74
CA ARG A 74 -26.25 -4.42 4.27
C ARG A 74 -27.02 -4.20 5.56
N THR A 75 -26.60 -3.22 6.36
CA THR A 75 -27.41 -2.78 7.48
C THR A 75 -28.80 -2.37 7.00
N LYS A 76 -28.83 -1.47 5.99
CA LYS A 76 -30.11 -1.06 5.41
C LYS A 76 -30.95 -2.24 4.92
N MET A 77 -30.29 -3.29 4.43
CA MET A 77 -31.00 -4.48 3.96
C MET A 77 -31.68 -5.21 5.09
N ALA A 78 -30.91 -5.54 6.11
CA ALA A 78 -31.43 -6.33 7.21
C ALA A 78 -32.50 -5.59 7.98
N LEU A 79 -32.31 -4.28 8.14
CA LEU A 79 -33.25 -3.48 8.90
C LEU A 79 -34.68 -3.55 8.38
N GLN A 80 -34.82 -3.81 7.09
CA GLN A 80 -36.15 -3.94 6.50
C GLN A 80 -36.56 -5.39 6.34
N SER A 81 -35.64 -6.30 6.62
CA SER A 81 -35.91 -7.73 6.50
C SER A 81 -36.23 -8.33 7.86
N GLY A 82 -36.38 -7.48 8.87
CA GLY A 82 -36.82 -7.92 10.18
C GLY A 82 -35.79 -7.99 11.28
N VAL A 83 -34.66 -7.32 11.09
CA VAL A 83 -33.72 -7.17 12.19
C VAL A 83 -33.84 -5.76 12.78
N ASP A 84 -33.99 -5.71 14.08
CA ASP A 84 -34.21 -4.46 14.79
C ASP A 84 -32.94 -3.71 15.16
N LEU A 85 -31.86 -4.45 15.40
CA LEU A 85 -30.59 -3.85 15.74
C LEU A 85 -29.46 -4.45 14.94
N VAL A 86 -28.61 -3.60 14.37
CA VAL A 86 -27.40 -4.09 13.73
C VAL A 86 -26.16 -3.50 14.39
N ILE A 87 -25.40 -4.39 15.04
CA ILE A 87 -24.17 -4.07 15.76
C ILE A 87 -23.00 -4.63 14.97
N GLU A 88 -21.94 -3.84 14.79
CA GLU A 88 -20.79 -4.36 14.06
C GLU A 88 -19.93 -5.21 14.95
N LEU A 89 -19.65 -6.43 14.49
CA LEU A 89 -18.68 -7.28 15.13
C LEU A 89 -17.31 -6.73 14.80
N PRO A 90 -16.59 -6.26 15.82
CA PRO A 90 -15.27 -5.68 15.57
C PRO A 90 -14.36 -6.60 14.78
N TYR A 91 -13.56 -6.00 13.89
CA TYR A 91 -12.52 -6.69 13.15
C TYR A 91 -11.71 -7.55 14.11
N LEU A 92 -11.58 -7.07 15.34
CA LEU A 92 -10.85 -7.78 16.36
C LEU A 92 -11.30 -9.24 16.47
N TYR A 93 -12.62 -9.44 16.53
CA TYR A 93 -13.14 -10.81 16.60
C TYR A 93 -13.68 -11.35 15.27
N ALA A 94 -13.75 -10.52 14.23
CA ALA A 94 -14.43 -10.93 13.01
C ALA A 94 -13.58 -11.79 12.09
N VAL A 95 -12.30 -11.45 11.92
CA VAL A 95 -11.44 -12.27 11.11
C VAL A 95 -10.65 -13.12 12.09
N GLN A 96 -11.19 -14.31 12.36
CA GLN A 96 -10.66 -15.26 13.35
C GLN A 96 -11.30 -16.60 13.01
N LYS A 97 -10.76 -17.71 13.49
CA LYS A 97 -11.45 -18.98 13.28
C LYS A 97 -12.68 -18.99 14.18
N ALA A 98 -13.47 -20.05 14.11
CA ALA A 98 -14.81 -20.08 14.71
C ALA A 98 -14.87 -19.82 16.21
N ASP A 99 -13.85 -20.22 16.96
CA ASP A 99 -13.99 -20.12 18.41
C ASP A 99 -13.78 -18.72 18.95
N ILE A 100 -12.87 -17.95 18.34
CA ILE A 100 -12.65 -16.55 18.76
C ILE A 100 -13.72 -15.63 18.21
N PHE A 101 -14.07 -15.88 16.95
CA PHE A 101 -15.22 -15.30 16.29
C PHE A 101 -16.51 -15.44 17.14
N ALA A 102 -16.77 -16.66 17.59
CA ALA A 102 -17.92 -16.94 18.45
C ALA A 102 -17.77 -16.34 19.84
N ARG A 103 -16.54 -16.32 20.36
CA ARG A 103 -16.27 -15.71 21.67
C ARG A 103 -16.62 -14.23 21.68
N GLY A 104 -16.18 -13.53 20.65
CA GLY A 104 -16.44 -12.11 20.54
C GLY A 104 -17.89 -11.78 20.24
N SER A 105 -18.48 -12.47 19.28
CA SER A 105 -19.86 -12.19 18.91
C SER A 105 -20.81 -12.55 20.04
N VAL A 106 -20.53 -13.64 20.74
CA VAL A 106 -21.34 -14.00 21.91
C VAL A 106 -21.11 -13.02 23.06
N SER A 107 -19.90 -12.48 23.21
CA SER A 107 -19.72 -11.43 24.22
C SER A 107 -20.56 -10.21 23.89
N ILE A 108 -20.60 -9.86 22.61
CA ILE A 108 -21.41 -8.74 22.18
C ILE A 108 -22.89 -8.98 22.44
N LEU A 109 -23.37 -10.17 22.12
CA LEU A 109 -24.78 -10.47 22.32
C LEU A 109 -25.13 -10.52 23.80
N ASN A 110 -24.19 -11.02 24.60
CA ASN A 110 -24.39 -11.09 26.03
C ASN A 110 -24.43 -9.70 26.66
N GLU A 111 -23.57 -8.81 26.15
CA GLU A 111 -23.59 -7.42 26.57
C GLU A 111 -24.95 -6.76 26.28
N LEU A 112 -25.62 -7.24 25.24
CA LEU A 112 -26.91 -6.68 24.80
C LEU A 112 -28.14 -7.37 25.39
N GLU A 113 -27.92 -8.28 26.34
CA GLU A 113 -29.00 -8.90 27.11
C GLU A 113 -30.02 -9.67 26.25
N CYS A 114 -29.52 -10.36 25.23
CA CYS A 114 -30.34 -11.28 24.48
C CYS A 114 -30.68 -12.48 25.36
N GLU A 115 -31.95 -12.83 25.46
CA GLU A 115 -32.35 -14.02 26.19
C GLU A 115 -31.85 -15.26 25.48
N ALA A 116 -31.68 -15.15 24.17
CA ALA A 116 -31.42 -16.30 23.32
C ALA A 116 -30.31 -16.03 22.34
N LEU A 117 -29.74 -17.09 21.77
CA LEU A 117 -28.90 -16.99 20.58
C LEU A 117 -29.32 -18.05 19.56
N PHE A 118 -29.78 -17.60 18.40
CA PHE A 118 -30.42 -18.48 17.43
C PHE A 118 -29.49 -18.80 16.27
N PHE A 119 -28.95 -20.03 16.21
CA PHE A 119 -28.00 -20.34 15.14
C PHE A 119 -28.46 -21.49 14.25
N GLY A 120 -28.20 -21.39 12.96
CA GLY A 120 -28.64 -22.43 12.04
C GLY A 120 -27.61 -23.53 11.85
N SER A 121 -28.12 -24.74 11.60
CA SER A 121 -27.28 -25.84 11.13
C SER A 121 -28.12 -26.65 10.16
N GLU A 122 -27.69 -27.85 9.81
CA GLU A 122 -28.58 -28.72 9.04
C GLU A 122 -29.54 -29.43 9.98
N ASN A 123 -29.40 -29.17 11.28
CA ASN A 123 -30.28 -29.75 12.31
C ASN A 123 -31.25 -28.75 12.94
N GLY A 124 -32.53 -29.14 13.01
CA GLY A 124 -33.53 -28.33 13.68
C GLY A 124 -33.47 -28.52 15.19
N ASP A 125 -32.61 -29.43 15.62
CA ASP A 125 -32.55 -29.86 17.02
C ASP A 125 -31.40 -29.21 17.79
N ILE A 126 -31.73 -28.53 18.89
CA ILE A 126 -30.73 -27.82 19.67
C ILE A 126 -29.92 -28.74 20.58
N LYS A 127 -30.39 -29.97 20.72
CA LYS A 127 -29.86 -30.92 21.70
C LYS A 127 -28.41 -31.37 21.47
N PRO A 128 -28.09 -31.94 20.28
CA PRO A 128 -26.76 -32.55 20.17
C PRO A 128 -25.61 -31.55 20.38
N PHE A 129 -25.86 -30.28 20.07
CA PHE A 129 -24.91 -29.21 20.38
C PHE A 129 -24.67 -29.15 21.88
N LEU A 130 -25.75 -29.25 22.65
CA LEU A 130 -25.67 -29.26 24.11
C LEU A 130 -24.91 -30.49 24.62
N GLU A 131 -25.31 -31.65 24.13
CA GLU A 131 -24.73 -32.91 24.58
C GLU A 131 -23.24 -32.92 24.36
N THR A 132 -22.83 -32.56 23.16
CA THR A 132 -21.41 -32.52 22.84
C THR A 132 -20.70 -31.47 23.66
N ALA A 133 -21.35 -30.32 23.81
CA ALA A 133 -20.74 -29.20 24.52
C ALA A 133 -20.35 -29.63 25.92
N GLN A 134 -21.32 -30.10 26.69
CA GLN A 134 -21.04 -30.64 28.01
C GLN A 134 -20.00 -31.75 27.95
N LEU A 135 -20.05 -32.55 26.89
CA LEU A 135 -19.18 -33.71 26.76
C LEU A 135 -17.71 -33.33 26.67
N ILE A 136 -17.43 -32.32 25.87
CA ILE A 136 -16.07 -31.82 25.69
C ILE A 136 -15.69 -30.94 26.86
N ASP A 137 -16.69 -30.27 27.43
CA ASP A 137 -16.50 -29.37 28.57
C ASP A 137 -16.01 -30.11 29.81
N GLU A 138 -16.64 -31.25 30.10
CA GLU A 138 -16.27 -32.03 31.27
C GLU A 138 -15.02 -32.88 31.02
N HIS A 139 -14.88 -33.40 29.80
CA HIS A 139 -13.76 -34.28 29.47
C HIS A 139 -12.51 -33.48 29.15
N LYS A 140 -12.61 -32.15 29.19
CA LYS A 140 -11.53 -31.26 28.76
C LYS A 140 -10.22 -31.65 29.41
N HIS A 141 -10.27 -31.94 30.70
CA HIS A 141 -9.12 -32.49 31.39
C HIS A 141 -8.67 -33.77 30.70
N ILE A 142 -9.55 -34.76 30.70
CA ILE A 142 -9.28 -36.05 30.05
C ILE A 142 -8.74 -35.87 28.63
N LEU A 143 -9.43 -35.06 27.84
CA LEU A 143 -9.05 -34.76 26.45
C LEU A 143 -7.62 -34.23 26.32
N ASN A 144 -7.30 -33.21 27.11
CA ASN A 144 -5.98 -32.60 27.10
C ASN A 144 -4.89 -33.58 27.52
N ASP A 145 -5.15 -34.29 28.61
CA ASP A 145 -4.24 -35.33 29.09
C ASP A 145 -4.01 -36.39 28.03
N ARG A 146 -5.03 -36.60 27.20
CA ARG A 146 -4.96 -37.61 26.12
C ARG A 146 -4.23 -37.08 24.90
N ILE A 147 -4.18 -35.77 24.77
CA ILE A 147 -3.39 -35.14 23.72
C ILE A 147 -1.91 -35.22 24.09
N LYS A 148 -1.64 -35.10 25.39
CA LYS A 148 -0.30 -35.30 25.94
C LYS A 148 0.36 -36.58 25.39
N GLU A 149 -0.20 -37.73 25.78
CA GLU A 149 0.32 -39.05 25.40
C GLU A 149 0.56 -39.18 23.90
N GLU A 150 -0.30 -38.54 23.11
CA GLU A 150 -0.25 -38.68 21.66
C GLU A 150 0.83 -37.85 21.02
N LEU A 151 1.01 -36.62 21.51
CA LEU A 151 2.14 -35.84 21.07
C LEU A 151 3.44 -36.54 21.47
N LYS A 152 3.42 -37.18 22.63
CA LYS A 152 4.58 -37.93 23.10
C LYS A 152 4.90 -39.17 22.25
N LYS A 153 3.91 -39.73 21.56
CA LYS A 153 4.15 -40.86 20.67
C LYS A 153 4.76 -40.40 19.35
N GLY A 154 4.75 -39.09 19.12
CA GLY A 154 5.28 -38.47 17.89
C GLY A 154 4.29 -37.92 16.88
N ALA A 155 3.01 -37.90 17.23
CA ALA A 155 1.95 -37.39 16.37
C ALA A 155 2.10 -35.88 16.15
N SER A 156 1.48 -35.33 15.11
CA SER A 156 1.39 -33.87 15.06
C SER A 156 0.35 -33.45 16.07
N TYR A 157 0.20 -32.16 16.29
CA TYR A 157 -0.80 -31.75 17.26
C TYR A 157 -2.23 -31.98 16.77
N PRO A 158 -2.58 -31.50 15.55
CA PRO A 158 -3.91 -31.83 15.03
C PRO A 158 -4.22 -33.32 14.98
N ALA A 159 -3.20 -34.12 14.70
CA ALA A 159 -3.37 -35.56 14.69
C ALA A 159 -3.79 -36.01 16.08
N ALA A 160 -2.96 -35.66 17.06
CA ALA A 160 -3.24 -35.99 18.45
C ALA A 160 -4.63 -35.55 18.84
N ALA A 161 -5.01 -34.35 18.40
CA ALA A 161 -6.30 -33.76 18.71
C ALA A 161 -7.42 -34.62 18.19
N ALA A 162 -7.29 -35.05 16.93
CA ALA A 162 -8.28 -35.91 16.31
C ALA A 162 -8.35 -37.26 17.03
N ILE A 163 -7.21 -37.73 17.51
CA ILE A 163 -7.17 -39.01 18.19
C ILE A 163 -7.88 -38.94 19.52
N ALA A 164 -7.68 -37.85 20.25
CA ALA A 164 -8.29 -37.70 21.57
C ALA A 164 -9.78 -37.45 21.43
N PHE A 165 -10.15 -36.51 20.57
CA PHE A 165 -11.56 -36.26 20.29
C PHE A 165 -12.26 -37.57 19.94
N SER A 166 -11.57 -38.41 19.16
CA SER A 166 -12.20 -39.65 18.67
C SER A 166 -12.61 -40.64 19.76
N SER A 167 -11.94 -40.59 20.91
CA SER A 167 -12.25 -41.55 21.98
C SER A 167 -13.58 -41.27 22.67
N ILE A 168 -13.83 -40.01 22.99
CA ILE A 168 -15.08 -39.61 23.59
C ILE A 168 -16.20 -39.40 22.57
N LEU A 169 -15.86 -38.84 21.42
CA LEU A 169 -16.85 -38.37 20.47
C LEU A 169 -17.45 -39.41 19.54
N HIS A 170 -16.67 -40.43 19.14
CA HIS A 170 -17.07 -41.27 17.99
C HIS A 170 -18.36 -42.08 18.21
N THR A 171 -18.91 -42.02 19.42
CA THR A 171 -20.28 -42.44 19.59
C THR A 171 -21.12 -41.63 18.61
N GLU A 172 -22.16 -42.21 18.01
CA GLU A 172 -22.87 -41.43 17.02
C GLU A 172 -23.97 -40.66 17.75
N SER A 173 -23.71 -39.37 17.94
CA SER A 173 -24.63 -38.47 18.61
C SER A 173 -25.75 -37.93 17.69
N ALA A 174 -25.46 -37.53 16.45
CA ALA A 174 -24.13 -37.39 15.87
C ALA A 174 -23.91 -35.95 15.48
N LEU A 175 -23.03 -35.25 16.20
CA LEU A 175 -22.78 -33.87 15.86
C LEU A 175 -21.74 -33.78 14.76
N ASP A 176 -22.13 -33.16 13.65
CA ASP A 176 -21.27 -33.06 12.49
C ASP A 176 -20.50 -31.76 12.55
N LEU A 177 -19.20 -31.90 12.80
CA LEU A 177 -18.29 -30.78 12.91
C LEU A 177 -17.69 -30.46 11.54
N SER A 178 -18.20 -31.13 10.51
CA SER A 178 -17.81 -30.79 9.16
C SER A 178 -18.62 -29.59 8.70
N LYS A 179 -19.93 -29.77 8.58
CA LYS A 179 -20.81 -28.71 8.13
C LYS A 179 -20.60 -27.46 8.97
N PRO A 180 -20.29 -26.35 8.30
CA PRO A 180 -19.68 -25.17 8.94
C PRO A 180 -20.54 -24.55 10.02
N ASN A 181 -21.81 -24.35 9.72
CA ASN A 181 -22.65 -23.57 10.61
C ASN A 181 -22.96 -24.38 11.86
N ASN A 182 -22.71 -25.68 11.78
CA ASN A 182 -22.71 -26.56 12.92
C ASN A 182 -21.56 -26.26 13.86
N ILE A 183 -20.35 -26.21 13.30
CA ILE A 183 -19.16 -25.80 14.05
C ILE A 183 -19.37 -24.46 14.74
N LEU A 184 -19.82 -23.48 13.97
CA LEU A 184 -20.15 -22.17 14.49
C LEU A 184 -21.13 -22.29 15.65
N GLY A 185 -22.17 -23.10 15.46
CA GLY A 185 -23.12 -23.36 16.53
C GLY A 185 -22.46 -23.89 17.78
N TYR A 186 -21.62 -24.90 17.62
CA TYR A 186 -20.94 -25.50 18.74
C TYR A 186 -20.11 -24.50 19.51
N GLN A 187 -19.41 -23.62 18.80
CA GLN A 187 -18.57 -22.64 19.46
C GLN A 187 -19.40 -21.57 20.16
N TYR A 188 -20.57 -21.26 19.61
CA TYR A 188 -21.50 -20.36 20.28
C TYR A 188 -21.90 -20.96 21.61
N VAL A 189 -22.31 -22.22 21.57
CA VAL A 189 -22.72 -22.92 22.76
C VAL A 189 -21.57 -22.90 23.76
N THR A 190 -20.37 -23.17 23.27
CA THR A 190 -19.16 -23.20 24.08
C THR A 190 -18.93 -21.86 24.79
N SER A 191 -19.06 -20.78 24.05
CA SER A 191 -18.82 -19.44 24.58
C SER A 191 -19.86 -19.04 25.61
N ILE A 192 -21.12 -19.38 25.35
CA ILE A 192 -22.18 -19.13 26.33
C ILE A 192 -21.91 -19.94 27.61
N LEU A 193 -21.37 -21.13 27.42
CA LEU A 193 -21.06 -22.04 28.53
C LEU A 193 -19.94 -21.54 29.42
N THR A 194 -18.80 -21.18 28.85
CA THR A 194 -17.68 -20.79 29.69
C THR A 194 -17.78 -19.33 30.09
N GLY A 195 -18.66 -18.59 29.41
CA GLY A 195 -18.86 -17.20 29.73
C GLY A 195 -19.78 -16.99 30.91
N GLY A 196 -20.70 -17.93 31.12
CA GLY A 196 -21.68 -17.87 32.20
C GLY A 196 -22.89 -17.02 31.86
N TYR A 197 -23.11 -16.81 30.57
CA TYR A 197 -24.14 -15.91 30.11
C TYR A 197 -25.53 -16.51 30.30
N PRO A 198 -26.53 -15.68 30.64
CA PRO A 198 -27.91 -16.16 30.78
C PRO A 198 -28.57 -16.25 29.42
N MET A 199 -27.90 -16.96 28.53
CA MET A 199 -28.29 -16.99 27.15
C MET A 199 -28.81 -18.38 26.85
N LYS A 200 -29.88 -18.47 26.10
CA LYS A 200 -30.34 -19.79 25.70
C LYS A 200 -30.14 -19.97 24.22
N PRO A 201 -29.27 -20.93 23.85
CA PRO A 201 -29.10 -21.25 22.44
C PRO A 201 -30.33 -21.93 21.84
N TYR A 202 -30.71 -21.49 20.65
CA TYR A 202 -31.71 -22.16 19.81
C TYR A 202 -31.12 -22.47 18.46
N THR A 203 -31.91 -23.12 17.62
CA THR A 203 -31.44 -23.55 16.31
C THR A 203 -32.55 -24.13 15.44
N THR A 204 -32.26 -24.22 14.15
CA THR A 204 -33.14 -24.86 13.18
C THR A 204 -32.28 -25.42 12.06
N ALA A 205 -32.87 -26.32 11.29
CA ALA A 205 -32.22 -26.83 10.10
C ALA A 205 -32.28 -25.75 9.03
N ARG A 206 -31.17 -25.53 8.36
CA ARG A 206 -31.17 -24.58 7.27
C ARG A 206 -31.68 -25.24 5.99
N ILE A 207 -32.47 -24.50 5.20
CA ILE A 207 -33.02 -25.03 3.96
C ILE A 207 -33.53 -23.90 3.08
N ASN A 221 -40.39 -19.68 -2.29
CA ASN A 221 -39.02 -19.29 -2.61
C ASN A 221 -37.98 -20.18 -1.91
N HIS A 222 -37.61 -21.29 -2.53
CA HIS A 222 -36.53 -22.11 -1.97
C HIS A 222 -35.26 -21.32 -2.10
N ILE A 223 -34.56 -21.23 -0.99
CA ILE A 223 -33.43 -20.34 -0.87
C ILE A 223 -32.16 -20.94 -1.46
N ALA A 224 -31.29 -20.06 -1.97
CA ALA A 224 -29.98 -20.41 -2.50
C ALA A 224 -28.86 -19.87 -1.61
N SER A 225 -27.68 -20.48 -1.67
CA SER A 225 -26.54 -20.10 -0.83
C SER A 225 -26.02 -18.70 -1.15
N ALA A 226 -25.43 -18.06 -0.14
CA ALA A 226 -24.91 -16.69 -0.26
C ALA A 226 -23.85 -16.56 -1.33
N THR A 227 -22.96 -17.54 -1.37
CA THR A 227 -21.81 -17.53 -2.28
C THR A 227 -22.21 -17.60 -3.74
N SER A 228 -23.05 -18.56 -4.11
CA SER A 228 -23.47 -18.70 -5.50
C SER A 228 -24.13 -17.41 -5.98
N ILE A 229 -24.82 -16.73 -5.07
CA ILE A 229 -25.38 -15.42 -5.38
C ILE A 229 -24.28 -14.39 -5.57
N ARG A 230 -23.20 -14.52 -4.80
CA ARG A 230 -22.04 -13.67 -5.04
C ARG A 230 -21.52 -13.88 -6.46
N LYS A 231 -21.16 -15.11 -6.81
CA LYS A 231 -20.70 -15.42 -8.17
C LYS A 231 -21.65 -14.87 -9.22
N ALA A 232 -22.94 -14.95 -8.94
CA ALA A 232 -23.93 -14.35 -9.82
C ALA A 232 -23.60 -12.89 -10.03
N MET A 233 -23.68 -12.09 -8.96
CA MET A 233 -23.39 -10.67 -9.08
C MET A 233 -22.03 -10.37 -9.73
N ILE A 234 -20.99 -11.08 -9.27
CA ILE A 234 -19.63 -11.00 -9.80
C ILE A 234 -19.61 -11.15 -11.31
N GLY A 235 -20.43 -12.08 -11.82
CA GLY A 235 -20.49 -12.29 -13.25
C GLY A 235 -21.28 -11.19 -13.90
N GLN A 236 -21.47 -10.10 -13.15
CA GLN A 236 -22.17 -8.90 -13.59
C GLN A 236 -23.67 -9.17 -13.72
N ASN A 237 -24.04 -10.45 -13.67
CA ASN A 237 -25.42 -10.83 -13.81
C ASN A 237 -26.10 -11.00 -12.45
N LEU A 238 -26.93 -10.04 -12.09
CA LEU A 238 -27.62 -10.06 -10.80
C LEU A 238 -29.03 -10.61 -10.99
N GLU A 239 -29.36 -10.95 -12.23
CA GLU A 239 -30.74 -11.27 -12.60
C GLU A 239 -31.11 -12.73 -12.39
N ALA A 240 -30.13 -13.60 -12.25
CA ALA A 240 -30.40 -15.01 -12.05
C ALA A 240 -30.86 -15.29 -10.62
N CYS A 241 -30.32 -14.50 -9.70
CA CYS A 241 -30.43 -14.71 -8.26
C CYS A 241 -31.55 -13.96 -7.53
N LEU A 242 -32.42 -13.30 -8.27
CA LEU A 242 -33.51 -12.50 -7.70
C LEU A 242 -34.48 -13.20 -6.72
N ARG A 243 -35.19 -14.22 -7.18
CA ARG A 243 -36.25 -14.88 -6.39
C ARG A 243 -35.74 -15.34 -5.02
N PHE A 244 -34.41 -15.45 -4.93
CA PHE A 244 -33.72 -15.83 -3.72
C PHE A 244 -33.36 -14.61 -2.87
N LEU A 245 -33.48 -13.43 -3.45
CA LEU A 245 -33.19 -12.19 -2.76
C LEU A 245 -34.43 -11.41 -2.36
N PRO A 246 -34.52 -11.01 -1.09
CA PRO A 246 -35.54 -10.03 -0.69
C PRO A 246 -35.42 -8.77 -1.52
N ALA A 247 -36.53 -8.09 -1.76
CA ALA A 247 -36.58 -6.99 -2.72
C ALA A 247 -35.64 -5.87 -2.33
N ALA A 248 -35.78 -5.41 -1.09
CA ALA A 248 -34.92 -4.37 -0.55
C ALA A 248 -33.44 -4.71 -0.73
N SER A 249 -33.10 -5.99 -0.62
CA SER A 249 -31.73 -6.43 -0.81
C SER A 249 -31.30 -6.10 -2.22
N ALA A 250 -32.14 -6.47 -3.18
CA ALA A 250 -31.86 -6.18 -4.59
C ALA A 250 -31.69 -4.68 -4.84
N ARG A 251 -32.68 -3.90 -4.38
CA ARG A 251 -32.62 -2.45 -4.47
C ARG A 251 -31.29 -1.89 -3.97
N GLU A 252 -31.01 -2.08 -2.69
CA GLU A 252 -29.84 -1.48 -2.06
C GLU A 252 -28.55 -1.99 -2.68
N LEU A 253 -28.56 -3.23 -3.15
CA LEU A 253 -27.44 -3.80 -3.88
C LEU A 253 -27.13 -3.02 -5.14
N ALA A 254 -28.06 -3.06 -6.09
CA ALA A 254 -27.89 -2.35 -7.35
C ALA A 254 -27.61 -0.87 -7.07
N ALA A 255 -28.12 -0.39 -5.94
CA ALA A 255 -27.90 0.98 -5.52
C ALA A 255 -26.45 1.16 -5.08
N TYR A 256 -25.83 0.11 -4.56
CA TYR A 256 -24.43 0.19 -4.19
C TYR A 256 -23.58 0.15 -5.44
N ARG A 257 -23.96 -0.70 -6.40
CA ARG A 257 -23.25 -0.72 -7.68
C ARG A 257 -23.29 0.66 -8.30
N LYS A 258 -24.49 1.16 -8.54
CA LYS A 258 -24.66 2.44 -9.22
C LYS A 258 -24.03 3.58 -8.42
N SER A 259 -24.11 3.50 -7.09
CA SER A 259 -23.55 4.57 -6.27
C SER A 259 -22.04 4.59 -6.35
N PHE A 260 -21.41 3.49 -5.96
CA PHE A 260 -19.95 3.45 -5.89
C PHE A 260 -19.23 2.73 -7.01
N GLY A 261 -19.97 2.15 -7.95
CA GLY A 261 -19.36 1.68 -9.19
C GLY A 261 -18.73 0.29 -9.24
N LEU A 262 -18.98 -0.53 -8.21
CA LEU A 262 -18.45 -1.89 -8.22
C LEU A 262 -19.16 -2.85 -7.26
N TRP A 263 -18.94 -4.14 -7.46
CA TRP A 263 -19.12 -5.11 -6.39
C TRP A 263 -17.71 -5.55 -5.97
N HIS A 264 -17.48 -5.68 -4.66
CA HIS A 264 -16.14 -5.98 -4.14
C HIS A 264 -15.80 -7.46 -4.19
N THR A 265 -14.63 -7.77 -4.75
CA THR A 265 -14.12 -9.14 -4.81
C THR A 265 -12.75 -9.17 -4.12
N PRO A 266 -12.30 -10.36 -3.72
CA PRO A 266 -10.95 -10.42 -3.16
C PRO A 266 -9.88 -9.92 -4.14
N GLU A 267 -10.07 -10.25 -5.41
CA GLU A 267 -9.09 -9.92 -6.43
C GLU A 267 -8.89 -8.41 -6.52
N SER A 268 -9.93 -7.66 -6.17
CA SER A 268 -9.88 -6.20 -6.13
C SER A 268 -8.69 -5.68 -5.36
N TYR A 269 -8.32 -6.41 -4.31
CA TYR A 269 -7.30 -5.93 -3.40
C TYR A 269 -5.91 -6.48 -3.72
N PHE A 270 -5.80 -7.32 -4.74
CA PHE A 270 -4.52 -7.99 -4.96
C PHE A 270 -3.38 -7.01 -5.07
N SER A 271 -3.55 -6.04 -5.97
CA SER A 271 -2.54 -5.00 -6.20
C SER A 271 -2.08 -4.36 -4.88
N TYR A 272 -3.02 -4.10 -3.98
CA TYR A 272 -2.72 -3.46 -2.70
C TYR A 272 -1.97 -4.40 -1.79
N LEU A 273 -2.36 -5.67 -1.76
CA LEU A 273 -1.57 -6.64 -1.04
C LEU A 273 -0.16 -6.64 -1.63
N LYS A 274 -0.08 -6.48 -2.96
CA LYS A 274 1.22 -6.50 -3.63
C LYS A 274 2.06 -5.30 -3.26
N TYR A 275 1.40 -4.21 -2.84
CA TYR A 275 2.12 -3.05 -2.35
C TYR A 275 2.64 -3.33 -0.96
N SER A 276 1.81 -4.03 -0.19
CA SER A 276 2.06 -4.24 1.22
C SER A 276 3.28 -5.08 1.44
N LEU A 277 3.44 -6.11 0.61
CA LEU A 277 4.57 -7.02 0.77
C LEU A 277 5.82 -6.45 0.10
N SER A 278 5.65 -5.32 -0.58
CA SER A 278 6.76 -4.59 -1.20
C SER A 278 7.45 -3.72 -0.18
N THR A 279 6.63 -3.05 0.61
CA THR A 279 7.04 -2.00 1.55
C THR A 279 7.25 -2.53 2.97
N VAL A 280 7.30 -3.84 3.10
CA VAL A 280 7.49 -4.51 4.38
C VAL A 280 8.89 -5.15 4.41
N THR A 281 9.49 -5.27 5.58
CA THR A 281 10.72 -6.05 5.71
C THR A 281 10.41 -7.37 6.41
N ALA A 282 11.09 -8.45 6.03
CA ALA A 282 10.73 -9.80 6.50
C ALA A 282 10.61 -9.88 8.02
N ARG A 283 11.42 -9.09 8.71
CA ARG A 283 11.32 -8.96 10.15
C ARG A 283 9.99 -8.32 10.52
N GLU A 284 9.65 -7.24 9.83
CA GLU A 284 8.33 -6.62 9.96
C GLU A 284 7.21 -7.61 9.61
N LEU A 285 7.41 -8.41 8.57
CA LEU A 285 6.39 -9.35 8.12
C LEU A 285 6.19 -10.48 9.12
N GLN A 286 7.22 -10.78 9.90
CA GLN A 286 7.09 -11.79 10.94
C GLN A 286 6.15 -11.34 12.05
N GLN A 287 6.01 -10.03 12.21
CA GLN A 287 5.15 -9.48 13.27
C GLN A 287 3.70 -9.29 12.81
N VAL A 288 3.39 -9.67 11.57
CA VAL A 288 2.03 -9.57 11.09
C VAL A 288 1.19 -10.73 11.60
N TYR A 289 0.00 -10.41 12.12
CA TYR A 289 -0.87 -11.42 12.69
C TYR A 289 -1.13 -12.55 11.69
N GLU A 290 -0.95 -13.79 12.16
CA GLU A 290 -1.16 -15.03 11.41
C GLU A 290 -0.03 -15.37 10.46
N VAL A 291 1.03 -14.55 10.44
CA VAL A 291 2.24 -15.02 9.76
C VAL A 291 3.01 -15.77 10.83
N GLU A 292 2.97 -17.10 10.74
CA GLU A 292 3.63 -17.91 11.75
C GLU A 292 5.11 -17.89 11.44
N GLU A 293 5.92 -18.26 12.43
CA GLU A 293 7.36 -18.15 12.34
C GLU A 293 7.90 -18.80 11.09
N GLY A 294 8.65 -18.03 10.31
CA GLY A 294 9.34 -18.52 9.13
C GLY A 294 8.61 -18.47 7.80
N LEU A 295 7.31 -18.25 7.84
CA LEU A 295 6.53 -18.29 6.61
C LEU A 295 6.70 -17.03 5.76
N GLU A 296 7.10 -15.94 6.40
CA GLU A 296 7.20 -14.63 5.74
C GLU A 296 8.05 -14.71 4.48
N HIS A 297 8.96 -15.68 4.47
CA HIS A 297 9.86 -15.88 3.33
C HIS A 297 9.18 -16.59 2.17
N ARG A 298 8.39 -17.61 2.46
CA ARG A 298 7.56 -18.23 1.44
C ARG A 298 6.62 -17.17 0.86
N ILE A 299 6.04 -16.37 1.76
CA ILE A 299 5.17 -15.24 1.38
C ILE A 299 5.79 -14.32 0.35
N ILE A 300 6.97 -13.81 0.70
CA ILE A 300 7.70 -12.87 -0.15
C ILE A 300 8.16 -13.49 -1.46
N ARG A 301 8.67 -14.72 -1.41
CA ARG A 301 8.97 -15.50 -2.61
C ARG A 301 7.77 -15.56 -3.56
N SER A 302 6.60 -15.78 -2.99
CA SER A 302 5.41 -16.03 -3.80
C SER A 302 4.81 -14.76 -4.40
N ILE A 303 4.87 -13.65 -3.68
CA ILE A 303 4.12 -12.47 -4.12
C ILE A 303 4.64 -11.82 -5.40
N ARG A 304 5.96 -11.82 -5.59
CA ARG A 304 6.56 -11.08 -6.68
C ARG A 304 6.21 -11.65 -8.07
N LYS A 305 6.02 -12.96 -8.12
CA LYS A 305 5.69 -13.61 -9.38
C LYS A 305 4.21 -13.92 -9.56
N SER A 306 3.39 -13.62 -8.57
CA SER A 306 1.96 -13.91 -8.66
C SER A 306 1.21 -12.79 -9.36
N SER A 307 0.48 -13.13 -10.41
CA SER A 307 -0.33 -12.16 -11.15
C SER A 307 -1.76 -12.09 -10.60
N SER A 308 -2.09 -13.00 -9.71
CA SER A 308 -3.45 -13.05 -9.22
C SER A 308 -3.42 -13.43 -7.77
N TYR A 309 -4.52 -13.15 -7.09
CA TYR A 309 -4.69 -13.61 -5.74
C TYR A 309 -4.80 -15.11 -5.79
N GLN A 310 -5.31 -15.62 -6.89
CA GLN A 310 -5.48 -17.05 -7.02
C GLN A 310 -4.13 -17.74 -7.06
N GLU A 311 -3.29 -17.32 -7.99
CA GLU A 311 -1.96 -17.90 -8.12
C GLU A 311 -1.17 -17.76 -6.83
N PHE A 312 -1.29 -16.59 -6.21
CA PHE A 312 -0.63 -16.31 -4.94
C PHE A 312 -1.05 -17.31 -3.86
N MET A 313 -2.35 -17.48 -3.70
CA MET A 313 -2.89 -18.46 -2.78
C MET A 313 -2.33 -19.84 -3.11
N GLU A 314 -2.22 -20.11 -4.41
CA GLU A 314 -1.76 -21.40 -4.89
C GLU A 314 -0.33 -21.70 -4.40
N LEU A 315 0.59 -20.77 -4.62
CA LEU A 315 1.98 -20.99 -4.22
C LEU A 315 2.11 -20.99 -2.70
N LEU A 316 1.22 -20.24 -2.06
CA LEU A 316 1.30 -20.06 -0.61
C LEU A 316 0.85 -21.29 0.16
N LYS A 317 -0.23 -21.93 -0.30
CA LYS A 317 -0.90 -22.96 0.48
C LYS A 317 0.03 -24.06 0.97
N THR A 318 -0.14 -24.42 2.24
CA THR A 318 0.64 -25.47 2.86
C THR A 318 -0.27 -26.40 3.65
N LYS A 319 0.33 -27.39 4.30
CA LYS A 319 -0.40 -28.26 5.20
C LYS A 319 -0.66 -27.53 6.51
N ARG A 320 0.24 -26.63 6.88
CA ARG A 320 0.10 -25.87 8.12
C ARG A 320 -0.97 -24.81 7.98
N TYR A 321 -1.34 -24.52 6.73
CA TYR A 321 -2.23 -23.42 6.41
C TYR A 321 -3.35 -23.80 5.44
N THR A 322 -4.59 -23.72 5.91
CA THR A 322 -5.76 -23.90 5.06
C THR A 322 -6.04 -22.66 4.20
N TRP A 323 -6.81 -22.82 3.14
CA TRP A 323 -7.21 -21.70 2.27
C TRP A 323 -7.65 -20.50 3.11
N THR A 324 -8.73 -20.67 3.85
CA THR A 324 -9.32 -19.58 4.62
C THR A 324 -8.36 -18.95 5.61
N ARG A 325 -7.55 -19.75 6.30
CA ARG A 325 -6.58 -19.18 7.22
C ARG A 325 -5.60 -18.30 6.49
N LEU A 326 -5.20 -18.73 5.28
CA LEU A 326 -4.34 -17.89 4.46
C LEU A 326 -5.06 -16.63 4.01
N GLN A 327 -6.38 -16.69 3.91
CA GLN A 327 -7.12 -15.48 3.51
C GLN A 327 -7.15 -14.53 4.67
N ARG A 328 -7.18 -15.10 5.88
CA ARG A 328 -7.13 -14.32 7.10
C ARG A 328 -5.79 -13.63 7.23
N MET A 329 -4.72 -14.41 7.07
CA MET A 329 -3.39 -13.87 7.06
C MET A 329 -3.28 -12.76 6.02
N ASN A 330 -3.63 -13.05 4.78
CA ASN A 330 -3.50 -12.08 3.70
C ASN A 330 -4.26 -10.81 4.00
N THR A 331 -5.40 -10.97 4.64
CA THR A 331 -6.18 -9.84 5.10
C THR A 331 -5.44 -9.02 6.14
N HIS A 332 -4.82 -9.67 7.11
CA HIS A 332 -4.11 -8.95 8.16
C HIS A 332 -2.91 -8.27 7.58
N ILE A 333 -2.36 -8.86 6.53
CA ILE A 333 -1.25 -8.28 5.78
C ILE A 333 -1.74 -7.08 4.99
N LEU A 334 -3.01 -7.09 4.59
CA LEU A 334 -3.63 -5.90 4.00
C LEU A 334 -3.76 -4.81 5.03
N THR A 335 -4.41 -5.11 6.14
CA THR A 335 -4.59 -4.11 7.18
C THR A 335 -3.31 -3.82 7.95
N ARG A 336 -2.27 -4.61 7.70
CA ARG A 336 -0.98 -4.52 8.40
C ARG A 336 -1.22 -4.48 9.91
N THR A 337 -1.92 -5.51 10.39
CA THR A 337 -2.20 -5.65 11.80
C THR A 337 -1.18 -6.55 12.48
N LYS A 338 -0.52 -6.02 13.50
CA LYS A 338 0.52 -6.73 14.24
C LYS A 338 0.00 -7.73 15.26
N LYS A 339 0.82 -8.72 15.60
CA LYS A 339 0.44 -9.76 16.55
C LYS A 339 0.27 -9.29 17.99
N GLN A 340 1.11 -8.35 18.43
CA GLN A 340 1.08 -7.92 19.81
C GLN A 340 -0.13 -7.06 20.10
N ASP A 341 -0.51 -6.23 19.11
CA ASP A 341 -1.70 -5.42 19.20
C ASP A 341 -2.88 -6.34 19.34
N MET A 342 -2.85 -7.37 18.53
CA MET A 342 -3.90 -8.36 18.49
C MET A 342 -4.05 -9.05 19.83
N GLN A 343 -2.96 -9.59 20.36
CA GLN A 343 -2.99 -10.27 21.64
C GLN A 343 -3.49 -9.34 22.72
N LYS A 344 -3.01 -8.11 22.69
CA LYS A 344 -3.47 -7.08 23.60
C LYS A 344 -5.00 -7.03 23.58
N LEU A 345 -5.57 -6.97 22.39
CA LEU A 345 -7.01 -6.80 22.24
C LEU A 345 -7.86 -8.07 22.47
N LEU A 346 -7.25 -9.22 22.22
CA LEU A 346 -7.93 -10.48 22.46
C LEU A 346 -7.95 -10.77 23.94
N ASP A 347 -7.02 -10.16 24.68
CA ASP A 347 -6.96 -10.34 26.13
C ASP A 347 -8.19 -9.81 26.86
N ASN A 348 -8.76 -8.72 26.38
CA ASN A 348 -10.03 -8.20 26.90
C ASN A 348 -11.15 -9.27 26.88
N ASP A 349 -11.82 -9.44 28.03
CA ASP A 349 -12.83 -10.48 28.22
C ASP A 349 -14.20 -10.14 27.62
N LYS A 350 -14.48 -8.85 27.48
CA LYS A 350 -15.70 -8.44 26.81
C LYS A 350 -15.42 -7.48 25.65
N ALA A 351 -16.40 -7.34 24.76
CA ALA A 351 -16.23 -6.49 23.59
C ALA A 351 -15.93 -5.06 24.02
N PRO A 352 -14.88 -4.46 23.44
CA PRO A 352 -14.37 -3.13 23.82
C PRO A 352 -15.41 -2.03 23.69
N TYR A 353 -16.35 -2.22 22.76
CA TYR A 353 -17.39 -1.23 22.48
C TYR A 353 -18.57 -1.92 21.82
N ILE A 354 -19.73 -1.28 21.85
CA ILE A 354 -20.87 -1.71 21.05
C ILE A 354 -21.10 -0.75 19.89
N ARG A 355 -20.86 -1.20 18.67
CA ARG A 355 -20.86 -0.31 17.51
C ARG A 355 -22.19 -0.31 16.74
N LEU A 356 -22.88 0.82 16.75
CA LEU A 356 -24.23 0.88 16.20
C LEU A 356 -24.22 1.24 14.72
N LEU A 357 -24.57 0.28 13.88
CA LEU A 357 -24.72 0.51 12.44
C LEU A 357 -26.09 1.05 12.07
N GLY A 358 -27.12 0.48 12.68
CA GLY A 358 -28.49 0.84 12.37
C GLY A 358 -29.47 0.22 13.34
N MET A 359 -30.69 0.76 13.36
CA MET A 359 -31.74 0.28 14.23
C MET A 359 -33.12 0.57 13.67
N THR A 360 -34.09 -0.28 13.96
CA THR A 360 -35.48 0.03 13.64
C THR A 360 -36.03 0.95 14.75
N LYS A 361 -37.33 1.19 14.79
CA LYS A 361 -37.88 1.91 15.93
C LYS A 361 -37.90 0.99 17.15
N LYS A 362 -38.07 -0.30 16.90
CA LYS A 362 -37.98 -1.32 17.94
C LYS A 362 -36.55 -1.39 18.48
N GLY A 363 -35.59 -1.59 17.60
CA GLY A 363 -34.19 -1.60 18.00
C GLY A 363 -33.79 -0.34 18.76
N GLN A 364 -34.36 0.79 18.36
CA GLN A 364 -34.13 2.06 19.05
C GLN A 364 -34.70 2.02 20.46
N ALA A 365 -35.90 1.45 20.60
CA ALA A 365 -36.53 1.32 21.91
C ALA A 365 -35.71 0.41 22.82
N TYR A 366 -35.51 -0.82 22.36
CA TYR A 366 -34.72 -1.82 23.08
C TYR A 366 -33.40 -1.24 23.53
N LEU A 367 -32.72 -0.58 22.59
CA LEU A 367 -31.48 0.10 22.88
C LEU A 367 -31.67 1.11 24.02
N SER A 368 -32.55 2.10 23.85
CA SER A 368 -32.71 3.12 24.89
C SER A 368 -33.02 2.49 26.25
N GLU A 369 -33.65 1.34 26.24
CA GLU A 369 -33.96 0.64 27.48
C GLU A 369 -32.72 0.02 28.11
N LYS A 370 -31.92 -0.71 27.32
CA LYS A 370 -30.78 -1.45 27.87
C LYS A 370 -29.48 -0.65 27.86
N LYS A 371 -29.56 0.60 27.42
CA LYS A 371 -28.39 1.44 27.22
C LYS A 371 -27.73 1.79 28.54
N LYS A 372 -28.56 2.25 29.47
CA LYS A 372 -28.15 2.54 30.83
C LYS A 372 -27.35 1.38 31.38
N ALA A 373 -27.68 0.17 30.93
CA ALA A 373 -27.10 -1.06 31.46
C ALA A 373 -25.85 -1.53 30.70
N LEU A 374 -25.52 -0.90 29.58
CA LEU A 374 -24.33 -1.30 28.84
C LEU A 374 -23.08 -0.89 29.60
N SER A 375 -22.11 -1.79 29.73
CA SER A 375 -20.91 -1.50 30.52
C SER A 375 -19.70 -1.02 29.70
N VAL A 376 -19.88 -0.94 28.38
CA VAL A 376 -18.86 -0.39 27.49
C VAL A 376 -19.59 0.52 26.50
N PRO A 377 -18.88 1.48 25.91
CA PRO A 377 -19.64 2.52 25.20
C PRO A 377 -20.46 2.01 24.03
N LEU A 378 -21.51 2.76 23.73
CA LEU A 378 -22.32 2.56 22.54
C LEU A 378 -21.91 3.59 21.50
N VAL A 379 -21.50 3.13 20.33
CA VAL A 379 -20.96 4.02 19.33
C VAL A 379 -21.92 4.23 18.18
N SER A 380 -22.28 5.48 17.96
CA SER A 380 -23.18 5.87 16.88
C SER A 380 -22.42 6.70 15.84
N LYS A 381 -21.91 7.84 16.28
CA LYS A 381 -20.89 8.58 15.53
C LYS A 381 -19.53 8.21 16.11
N LEU A 382 -18.51 8.15 15.25
CA LEU A 382 -17.19 7.71 15.67
C LEU A 382 -16.50 8.60 16.70
N SER A 383 -16.94 9.84 16.82
CA SER A 383 -16.30 10.79 17.72
C SER A 383 -16.58 10.49 19.19
N SER A 384 -17.44 9.50 19.43
CA SER A 384 -18.00 9.23 20.76
C SER A 384 -17.18 8.25 21.60
N PHE A 385 -15.98 7.87 21.12
CA PHE A 385 -15.11 6.94 21.84
C PHE A 385 -13.80 6.78 21.08
N SER A 386 -12.76 6.34 21.79
CA SER A 386 -11.52 5.98 21.13
C SER A 386 -10.97 4.71 21.78
N HIS A 387 -10.76 3.69 20.96
CA HIS A 387 -10.26 2.42 21.43
C HIS A 387 -9.41 1.84 20.31
N PRO A 388 -8.37 1.08 20.65
CA PRO A 388 -7.53 0.47 19.61
C PRO A 388 -8.30 -0.45 18.66
N ALA A 389 -9.31 -1.14 19.18
CA ALA A 389 -10.09 -2.06 18.39
C ALA A 389 -10.95 -1.36 17.33
N LEU A 390 -11.36 -0.14 17.67
CA LEU A 390 -12.14 0.70 16.75
C LEU A 390 -11.24 1.33 15.70
N ASP A 391 -10.05 1.74 16.11
CA ASP A 391 -9.03 2.12 15.13
C ASP A 391 -8.91 1.05 14.09
N LEU A 392 -8.75 -0.19 14.56
CA LEU A 392 -8.74 -1.36 13.70
C LEU A 392 -9.95 -1.41 12.77
N ASP A 393 -11.15 -1.16 13.30
CA ASP A 393 -12.37 -1.11 12.48
C ASP A 393 -12.33 -0.09 11.33
N VAL A 394 -12.00 1.15 11.70
CA VAL A 394 -11.90 2.26 10.77
C VAL A 394 -10.82 2.06 9.72
N LYS A 395 -9.67 1.54 10.13
CA LYS A 395 -8.61 1.23 9.17
C LYS A 395 -9.08 0.17 8.21
N ALA A 396 -9.75 -0.86 8.73
CA ALA A 396 -10.32 -1.91 7.88
C ALA A 396 -11.18 -1.32 6.77
N SER A 397 -12.00 -0.33 7.13
CA SER A 397 -12.79 0.36 6.11
C SER A 397 -11.93 1.16 5.13
N ARG A 398 -10.92 1.86 5.64
CA ARG A 398 -10.04 2.67 4.80
C ARG A 398 -9.35 1.82 3.75
N ILE A 399 -9.05 0.58 4.11
CA ILE A 399 -8.50 -0.39 3.17
C ILE A 399 -9.60 -0.86 2.23
N TYR A 400 -10.77 -1.12 2.82
CA TYR A 400 -11.90 -1.64 2.07
C TYR A 400 -12.28 -0.77 0.88
N SER A 401 -12.24 0.54 1.07
CA SER A 401 -12.71 1.49 0.06
C SER A 401 -11.79 1.64 -1.14
N LEU A 402 -10.52 1.31 -0.97
CA LEU A 402 -9.51 1.54 -2.02
C LEU A 402 -9.92 1.18 -3.46
N PRO A 403 -10.58 0.04 -3.67
CA PRO A 403 -10.99 -0.34 -5.04
C PRO A 403 -11.92 0.65 -5.74
N ILE A 404 -12.59 1.51 -4.99
CA ILE A 404 -13.46 2.48 -5.61
C ILE A 404 -12.63 3.52 -6.36
N GLU A 405 -12.94 3.69 -7.64
CA GLU A 405 -12.23 4.65 -8.46
C GLU A 405 -12.48 6.03 -7.87
N GLU A 406 -11.39 6.70 -7.54
CA GLU A 406 -11.43 8.07 -7.05
C GLU A 406 -12.18 8.94 -8.04
N PRO A 407 -12.90 9.99 -7.58
CA PRO A 407 -13.23 10.55 -6.26
C PRO A 407 -14.23 9.76 -5.46
N LEU A 408 -14.95 8.85 -6.12
CA LEU A 408 -16.04 8.10 -5.47
C LEU A 408 -15.58 7.37 -4.21
N ARG A 409 -14.32 6.96 -4.22
CA ARG A 409 -13.70 6.34 -3.06
C ARG A 409 -13.67 7.30 -1.88
N THR A 410 -13.40 8.57 -2.17
CA THR A 410 -13.32 9.55 -1.09
C THR A 410 -14.69 9.77 -0.48
N GLU A 411 -15.68 9.97 -1.35
CA GLU A 411 -17.06 10.10 -0.92
C GLU A 411 -17.41 8.95 0.00
N PHE A 412 -17.15 7.73 -0.46
CA PHE A 412 -17.42 6.57 0.36
C PHE A 412 -16.74 6.70 1.70
N ASP A 413 -15.50 7.19 1.66
CA ASP A 413 -14.67 7.24 2.84
C ASP A 413 -15.27 8.18 3.88
N LEU A 414 -16.02 9.16 3.41
CA LEU A 414 -16.63 10.13 4.33
C LEU A 414 -17.69 9.51 5.22
N GLN A 415 -18.08 8.27 4.94
CA GLN A 415 -19.17 7.61 5.66
C GLN A 415 -18.83 7.09 7.05
N GLU A 416 -17.74 6.35 7.17
CA GLU A 416 -17.38 5.71 8.44
C GLU A 416 -17.45 6.69 9.60
N TYR A 417 -16.88 7.87 9.40
CA TYR A 417 -17.00 8.95 10.38
C TYR A 417 -18.32 9.65 10.23
N GLY A 418 -18.76 9.79 8.98
CA GLY A 418 -19.98 10.49 8.70
C GLY A 418 -21.19 9.78 9.23
N HIS A 419 -21.35 8.52 8.83
CA HIS A 419 -22.64 7.87 9.01
C HIS A 419 -22.94 7.62 10.48
N ALA A 420 -24.04 8.23 10.91
CA ALA A 420 -24.68 7.96 12.18
C ALA A 420 -25.66 6.82 11.93
N PRO A 421 -26.10 6.12 12.99
CA PRO A 421 -26.90 4.89 12.80
C PRO A 421 -28.05 5.04 11.82
N ILE A 422 -28.19 4.02 10.98
CA ILE A 422 -29.22 3.99 9.97
C ILE A 422 -30.56 3.57 10.58
N ARG A 423 -31.56 4.44 10.50
CA ARG A 423 -32.79 4.19 11.23
C ARG A 423 -34.00 3.95 10.34
N TYR A 424 -34.54 2.75 10.42
CA TYR A 424 -35.69 2.37 9.62
C TYR A 424 -36.98 2.36 10.44
N ASP A 425 -38.09 2.68 9.79
CA ASP A 425 -39.42 2.61 10.41
C ASP A 425 -40.24 1.46 9.84
N GLU A 426 -40.50 0.48 10.69
CA GLU A 426 -41.26 -0.73 10.34
C GLU A 426 -42.69 -0.43 9.91
N ASP A 427 -43.14 0.79 10.20
CA ASP A 427 -44.41 1.24 9.69
C ASP A 427 -44.02 1.89 8.39
N GLU A 428 -44.36 1.19 7.30
CA GLU A 428 -43.38 0.94 6.25
C GLU A 428 -42.61 2.15 5.72
N GLN A 429 -41.30 1.94 5.64
CA GLN A 429 -40.34 2.82 4.94
C GLN A 429 -40.27 4.29 5.38
N HIS A 430 -39.66 4.52 6.53
CA HIS A 430 -39.12 5.84 6.83
C HIS A 430 -37.66 5.76 7.29
N PHE A 431 -36.74 6.25 6.47
CA PHE A 431 -35.38 6.42 6.91
C PHE A 431 -35.19 7.89 7.26
N LEU A 432 -34.79 8.16 8.49
CA LEU A 432 -34.80 9.51 9.04
C LEU A 432 -33.62 10.41 8.63
N ASN A 433 -32.51 9.81 8.22
CA ASN A 433 -31.33 10.60 7.88
C ASN A 433 -31.50 11.29 6.53
N MET B 20 42.07 6.10 -23.56
CA MET B 20 40.61 6.08 -23.64
C MET B 20 39.97 7.11 -22.69
N LYS B 21 39.18 8.02 -23.25
CA LYS B 21 38.63 9.16 -22.51
C LYS B 21 37.10 9.19 -22.47
N ALA B 22 36.56 9.49 -21.29
CA ALA B 22 35.12 9.62 -21.13
C ALA B 22 34.73 10.93 -20.46
N VAL B 23 33.55 11.41 -20.83
CA VAL B 23 32.96 12.59 -20.21
C VAL B 23 31.75 12.17 -19.40
N GLY B 24 31.66 12.66 -18.17
CA GLY B 24 30.54 12.32 -17.31
C GLY B 24 29.33 13.20 -17.57
N LEU B 25 28.15 12.59 -17.52
CA LEU B 25 26.88 13.25 -17.78
C LEU B 25 25.87 12.91 -16.68
N VAL B 26 25.45 13.90 -15.92
CA VAL B 26 24.45 13.68 -14.88
C VAL B 26 23.07 13.90 -15.51
N VAL B 27 22.27 12.84 -15.58
CA VAL B 27 21.01 12.92 -16.35
C VAL B 27 19.79 12.17 -15.82
N GLU B 28 18.64 12.62 -16.29
CA GLU B 28 17.40 11.86 -16.24
C GLU B 28 16.74 12.07 -17.58
N TYR B 29 16.56 11.02 -18.36
CA TYR B 29 16.00 11.28 -19.65
C TYR B 29 14.53 10.93 -19.61
N ASN B 30 13.71 11.96 -19.50
CA ASN B 30 12.30 11.80 -19.16
C ASN B 30 11.32 12.66 -19.99
N PRO B 31 11.25 12.43 -21.31
CA PRO B 31 12.08 11.49 -22.06
C PRO B 31 13.37 12.17 -22.52
N PHE B 32 14.18 11.45 -23.28
CA PHE B 32 15.37 12.01 -23.88
C PHE B 32 14.95 12.83 -25.09
N HIS B 33 15.18 14.14 -25.06
CA HIS B 33 14.71 14.96 -26.18
C HIS B 33 15.84 15.61 -26.93
N ASN B 34 15.49 16.40 -27.93
CA ASN B 34 16.48 17.01 -28.82
C ASN B 34 17.57 17.72 -28.04
N GLY B 35 17.22 18.35 -26.92
CA GLY B 35 18.18 19.07 -26.10
C GLY B 35 19.22 18.14 -25.47
N HIS B 36 18.74 16.99 -25.03
CA HIS B 36 19.62 15.98 -24.46
C HIS B 36 20.50 15.36 -25.57
N LEU B 37 19.96 15.28 -26.79
CA LEU B 37 20.72 14.76 -27.94
C LEU B 37 21.89 15.66 -28.30
N TYR B 38 21.57 16.93 -28.52
CA TYR B 38 22.56 17.96 -28.79
C TYR B 38 23.58 18.01 -27.66
N HIS B 39 23.13 17.83 -26.43
CA HIS B 39 24.06 17.83 -25.29
C HIS B 39 24.98 16.59 -25.28
N ALA B 40 24.50 15.45 -25.76
CA ALA B 40 25.32 14.23 -25.82
C ALA B 40 26.30 14.19 -26.99
N GLN B 41 26.00 14.91 -28.07
CA GLN B 41 26.95 15.03 -29.18
C GLN B 41 28.01 16.11 -28.88
N THR B 42 27.55 17.22 -28.33
CA THR B 42 28.45 18.29 -27.96
C THR B 42 29.31 17.88 -26.78
N ALA B 43 28.83 16.96 -25.96
CA ALA B 43 29.66 16.40 -24.89
C ALA B 43 30.99 15.88 -25.45
N LYS B 44 30.91 14.87 -26.32
CA LYS B 44 32.09 14.27 -26.91
C LYS B 44 32.82 15.26 -27.81
N LEU B 45 32.11 16.26 -28.32
CA LEU B 45 32.79 17.28 -29.12
C LEU B 45 33.69 18.15 -28.24
N GLN B 46 33.06 18.91 -27.36
CA GLN B 46 33.71 19.93 -26.55
C GLN B 46 34.62 19.39 -25.43
N THR B 47 34.38 18.18 -24.94
CA THR B 47 35.24 17.64 -23.89
C THR B 47 36.31 16.70 -24.42
N GLY B 48 36.29 16.46 -25.73
CA GLY B 48 37.29 15.65 -26.39
C GLY B 48 37.44 14.25 -25.84
N CYS B 49 36.36 13.72 -25.29
CA CYS B 49 36.43 12.37 -24.77
C CYS B 49 35.68 11.44 -25.70
N ASP B 50 36.29 10.31 -25.99
CA ASP B 50 35.75 9.36 -26.96
C ASP B 50 34.51 8.64 -26.44
N THR B 51 34.19 8.85 -25.17
CA THR B 51 33.11 8.09 -24.54
C THR B 51 32.15 8.96 -23.73
N ALA B 52 30.85 8.73 -23.89
CA ALA B 52 29.87 9.46 -23.10
C ALA B 52 29.29 8.56 -22.01
N VAL B 53 29.64 8.88 -20.76
CA VAL B 53 29.22 8.08 -19.61
C VAL B 53 28.21 8.86 -18.78
N ALA B 54 26.98 8.37 -18.71
CA ALA B 54 25.90 9.04 -17.99
C ALA B 54 25.50 8.27 -16.75
N VAL B 55 25.27 8.99 -15.67
CA VAL B 55 24.64 8.42 -14.49
C VAL B 55 23.22 8.98 -14.53
N MET B 56 22.23 8.11 -14.47
CA MET B 56 20.87 8.47 -14.78
C MET B 56 19.87 8.01 -13.72
N SER B 57 18.95 8.89 -13.32
CA SER B 57 17.96 8.49 -12.32
C SER B 57 17.16 7.29 -12.81
N GLY B 58 16.98 6.28 -11.95
CA GLY B 58 16.36 5.05 -12.40
C GLY B 58 14.87 5.04 -12.70
N HIS B 59 14.08 5.25 -11.67
CA HIS B 59 12.64 5.05 -11.74
C HIS B 59 11.92 6.26 -11.17
N PHE B 60 12.28 6.62 -9.95
CA PHE B 60 11.88 7.91 -9.40
C PHE B 60 13.08 8.87 -9.38
N LEU B 61 12.79 10.14 -9.61
CA LEU B 61 13.79 11.12 -10.00
C LEU B 61 14.02 12.23 -8.96
N GLN B 62 14.87 13.21 -9.30
CA GLN B 62 15.17 14.32 -8.38
C GLN B 62 13.98 15.22 -8.18
N ARG B 63 13.30 15.52 -9.28
CA ARG B 63 12.08 16.30 -9.24
C ARG B 63 11.03 15.56 -8.39
N GLY B 64 11.27 14.26 -8.17
CA GLY B 64 10.51 13.47 -7.21
C GLY B 64 9.51 12.55 -7.87
N GLU B 65 9.17 12.84 -9.12
CA GLU B 65 8.11 12.16 -9.83
C GLU B 65 8.57 10.81 -10.35
N PRO B 66 7.61 9.94 -10.73
CA PRO B 66 7.99 8.68 -11.37
C PRO B 66 8.48 8.95 -12.78
N ALA B 67 9.40 8.13 -13.29
CA ALA B 67 9.83 8.28 -14.67
C ALA B 67 8.68 7.93 -15.61
N VAL B 68 8.66 8.57 -16.78
CA VAL B 68 7.67 8.29 -17.81
C VAL B 68 7.71 6.83 -18.22
N VAL B 69 8.91 6.26 -18.19
CA VAL B 69 9.19 4.98 -18.77
C VAL B 69 10.36 4.41 -17.97
N SER B 70 10.48 3.08 -17.91
CA SER B 70 11.45 2.43 -17.06
C SER B 70 12.86 2.84 -17.41
N LYS B 71 13.79 2.65 -16.48
CA LYS B 71 15.17 2.99 -16.69
C LYS B 71 15.77 2.26 -17.90
N TRP B 72 15.19 1.11 -18.24
CA TRP B 72 15.64 0.31 -19.37
C TRP B 72 15.40 0.99 -20.72
N ALA B 73 14.17 1.44 -20.93
CA ALA B 73 13.83 1.97 -22.24
C ALA B 73 14.38 3.38 -22.41
N ARG B 74 14.52 4.12 -21.30
CA ARG B 74 15.15 5.44 -21.35
C ARG B 74 16.64 5.25 -21.62
N THR B 75 17.21 4.19 -21.05
CA THR B 75 18.55 3.74 -21.41
C THR B 75 18.67 3.57 -22.92
N LYS B 76 17.63 3.00 -23.51
CA LYS B 76 17.65 2.79 -24.96
C LYS B 76 17.50 4.09 -25.76
N MET B 77 16.74 5.07 -25.27
CA MET B 77 16.74 6.39 -25.94
C MET B 77 18.13 7.03 -25.90
N ALA B 78 18.86 6.74 -24.82
CA ALA B 78 20.19 7.32 -24.61
C ALA B 78 21.30 6.68 -25.40
N LEU B 79 21.38 5.36 -25.40
CA LEU B 79 22.44 4.66 -26.11
C LEU B 79 22.40 4.97 -27.60
N GLN B 80 21.21 5.30 -28.11
CA GLN B 80 21.05 5.60 -29.53
C GLN B 80 21.32 7.05 -29.90
N SER B 81 21.35 7.91 -28.90
CA SER B 81 21.58 9.34 -29.09
C SER B 81 23.00 9.81 -28.75
N GLY B 82 23.89 8.86 -28.50
CA GLY B 82 25.29 9.21 -28.31
C GLY B 82 25.82 9.13 -26.90
N VAL B 83 25.05 8.49 -26.03
CA VAL B 83 25.57 8.15 -24.70
C VAL B 83 26.18 6.75 -24.74
N ASP B 84 27.48 6.65 -24.50
CA ASP B 84 28.17 5.39 -24.67
C ASP B 84 28.04 4.46 -23.49
N LEU B 85 27.72 5.01 -22.33
CA LEU B 85 27.60 4.21 -21.11
C LEU B 85 26.50 4.78 -20.22
N VAL B 86 25.71 3.90 -19.60
CA VAL B 86 24.66 4.35 -18.69
C VAL B 86 24.56 3.55 -17.39
N ILE B 87 24.74 4.27 -16.27
CA ILE B 87 24.71 3.71 -14.92
C ILE B 87 23.50 4.26 -14.15
N GLU B 88 22.90 3.47 -13.27
CA GLU B 88 21.82 4.01 -12.44
C GLU B 88 22.35 4.94 -11.36
N LEU B 89 21.63 6.04 -11.16
CA LEU B 89 21.83 6.92 -10.03
C LEU B 89 20.88 6.43 -8.97
N PRO B 90 21.41 5.80 -7.92
CA PRO B 90 20.53 5.17 -6.93
C PRO B 90 19.49 6.15 -6.42
N TYR B 91 18.32 5.62 -6.10
CA TYR B 91 17.24 6.37 -5.48
C TYR B 91 17.80 7.24 -4.37
N LEU B 92 18.73 6.65 -3.62
CA LEU B 92 19.45 7.31 -2.55
C LEU B 92 19.94 8.66 -2.96
N TYR B 93 20.64 8.73 -4.09
CA TYR B 93 21.05 10.02 -4.62
C TYR B 93 20.00 10.68 -5.50
N ALA B 94 19.30 9.86 -6.27
CA ALA B 94 18.34 10.37 -7.26
C ALA B 94 17.27 11.21 -6.59
N VAL B 95 16.57 10.68 -5.60
CA VAL B 95 15.48 11.47 -5.04
C VAL B 95 15.97 12.16 -3.79
N GLN B 96 16.47 13.37 -3.99
CA GLN B 96 17.13 14.14 -2.93
C GLN B 96 17.25 15.58 -3.34
N LYS B 97 17.45 16.42 -2.34
CA LYS B 97 17.87 17.79 -2.55
C LYS B 97 19.11 17.86 -3.45
N ALA B 98 19.13 18.82 -4.36
CA ALA B 98 20.18 18.93 -5.39
C ALA B 98 21.62 18.96 -4.85
N ASP B 99 21.82 19.46 -3.65
CA ASP B 99 23.16 19.45 -3.05
C ASP B 99 23.66 18.03 -2.87
N ILE B 100 22.75 17.11 -2.52
CA ILE B 100 23.08 15.71 -2.30
C ILE B 100 23.17 14.93 -3.61
N PHE B 101 22.16 15.18 -4.43
CA PHE B 101 22.02 14.58 -5.74
C PHE B 101 23.30 14.81 -6.55
N ALA B 102 23.76 16.05 -6.53
CA ALA B 102 24.99 16.43 -7.22
C ALA B 102 26.16 15.61 -6.71
N ARG B 103 26.36 15.64 -5.40
CA ARG B 103 27.43 14.92 -4.71
C ARG B 103 27.52 13.47 -5.19
N GLY B 104 26.45 12.70 -4.96
CA GLY B 104 26.46 11.30 -5.35
C GLY B 104 26.72 11.04 -6.83
N SER B 105 26.08 11.82 -7.69
CA SER B 105 26.25 11.64 -9.13
C SER B 105 27.69 11.87 -9.58
N VAL B 106 28.23 13.04 -9.26
CA VAL B 106 29.61 13.34 -9.59
C VAL B 106 30.55 12.32 -8.98
N SER B 107 30.19 11.84 -7.80
CA SER B 107 30.97 10.83 -7.08
C SER B 107 31.12 9.57 -7.90
N ILE B 108 29.99 9.13 -8.45
CA ILE B 108 29.97 7.95 -9.31
C ILE B 108 30.72 8.19 -10.61
N LEU B 109 30.55 9.37 -11.21
CA LEU B 109 31.26 9.68 -12.46
C LEU B 109 32.77 9.68 -12.21
N ASN B 110 33.17 10.00 -10.99
CA ASN B 110 34.59 9.95 -10.66
C ASN B 110 35.08 8.52 -10.38
N GLU B 111 34.23 7.67 -9.82
CA GLU B 111 34.66 6.27 -9.57
C GLU B 111 35.00 5.61 -10.87
N LEU B 112 34.25 5.97 -11.91
CA LEU B 112 34.48 5.50 -13.28
C LEU B 112 35.56 6.33 -13.98
N GLU B 113 36.09 7.29 -13.25
CA GLU B 113 37.25 8.07 -13.68
C GLU B 113 36.96 8.91 -14.92
N CYS B 114 35.83 9.60 -14.92
CA CYS B 114 35.53 10.53 -15.99
C CYS B 114 36.37 11.77 -15.80
N GLU B 115 37.15 12.13 -16.82
CA GLU B 115 38.06 13.25 -16.68
C GLU B 115 37.36 14.56 -16.98
N ALA B 116 36.18 14.46 -17.56
CA ALA B 116 35.41 15.64 -17.88
C ALA B 116 34.00 15.50 -17.40
N LEU B 117 33.36 16.64 -17.17
CA LEU B 117 31.97 16.72 -16.78
C LEU B 117 31.31 17.77 -17.68
N PHE B 118 30.08 17.54 -18.09
CA PHE B 118 29.44 18.45 -19.05
C PHE B 118 27.96 18.70 -18.74
N PHE B 119 27.56 19.96 -18.55
CA PHE B 119 26.16 20.26 -18.28
C PHE B 119 25.58 21.49 -19.02
N GLY B 120 24.30 21.38 -19.35
CA GLY B 120 23.55 22.49 -19.88
C GLY B 120 23.19 23.37 -18.72
N SER B 121 22.86 24.63 -19.00
CA SER B 121 22.62 25.61 -17.96
C SER B 121 22.12 26.90 -18.54
N GLU B 122 21.54 27.72 -17.67
CA GLU B 122 20.94 28.97 -18.10
C GLU B 122 22.04 29.99 -18.30
N ASN B 123 23.23 29.58 -17.89
CA ASN B 123 24.41 30.37 -18.12
C ASN B 123 25.43 29.48 -18.78
N GLY B 124 25.72 29.77 -20.04
CA GLY B 124 26.60 28.89 -20.80
C GLY B 124 28.02 29.05 -20.36
N ASP B 125 28.23 29.95 -19.40
CA ASP B 125 29.56 30.31 -18.97
C ASP B 125 29.95 29.59 -17.69
N ILE B 126 31.04 28.85 -17.76
CA ILE B 126 31.54 28.12 -16.60
C ILE B 126 32.15 29.04 -15.56
N LYS B 127 32.66 30.17 -16.03
CA LYS B 127 33.44 31.07 -15.19
C LYS B 127 32.65 31.65 -14.04
N PRO B 128 31.40 32.08 -14.25
CA PRO B 128 30.71 32.50 -13.03
C PRO B 128 30.43 31.34 -12.06
N PHE B 129 30.38 30.11 -12.53
CA PHE B 129 30.27 28.96 -11.62
C PHE B 129 31.51 28.82 -10.74
N LEU B 130 32.66 28.68 -11.41
CA LEU B 130 33.95 28.56 -10.73
C LEU B 130 34.18 29.76 -9.81
N GLU B 131 33.97 30.96 -10.35
CA GLU B 131 34.17 32.20 -9.62
C GLU B 131 33.33 32.18 -8.38
N THR B 132 32.04 31.91 -8.55
CA THR B 132 31.12 31.88 -7.43
C THR B 132 31.63 30.96 -6.34
N ALA B 133 31.75 29.67 -6.67
CA ALA B 133 32.14 28.70 -5.65
C ALA B 133 33.43 29.11 -4.92
N GLN B 134 34.46 29.44 -5.70
CA GLN B 134 35.74 29.87 -5.15
C GLN B 134 35.57 31.06 -4.19
N LEU B 135 34.72 31.98 -4.62
CA LEU B 135 34.42 33.20 -3.90
C LEU B 135 33.73 32.90 -2.58
N ILE B 136 32.79 31.97 -2.63
CA ILE B 136 31.99 31.60 -1.48
C ILE B 136 32.86 30.93 -0.44
N ASP B 137 33.68 29.97 -0.86
CA ASP B 137 34.55 29.32 0.11
C ASP B 137 35.57 30.30 0.63
N GLU B 138 35.92 31.28 -0.20
CA GLU B 138 36.84 32.33 0.22
C GLU B 138 36.28 33.10 1.42
N HIS B 139 34.97 33.32 1.41
CA HIS B 139 34.28 34.06 2.47
C HIS B 139 33.46 33.28 3.52
N LYS B 140 33.44 31.95 3.47
CA LYS B 140 32.43 31.16 4.20
C LYS B 140 32.21 31.60 5.65
N HIS B 141 33.30 31.94 6.34
CA HIS B 141 33.23 32.47 7.70
C HIS B 141 32.32 33.71 7.76
N ILE B 142 32.57 34.65 6.86
CA ILE B 142 31.76 35.85 6.73
C ILE B 142 30.28 35.49 6.59
N LEU B 143 30.02 34.51 5.72
CA LEU B 143 28.68 34.02 5.47
C LEU B 143 28.00 33.55 6.75
N ASN B 144 28.68 32.73 7.54
CA ASN B 144 28.02 32.18 8.73
C ASN B 144 27.89 33.20 9.86
N ASP B 145 28.81 34.18 9.90
CA ASP B 145 28.69 35.26 10.87
C ASP B 145 27.49 36.15 10.57
N ARG B 146 27.24 36.44 9.29
CA ARG B 146 26.12 37.31 8.92
C ARG B 146 24.81 36.54 8.95
N ILE B 147 24.90 35.25 8.65
CA ILE B 147 23.75 34.37 8.78
C ILE B 147 23.31 34.41 10.23
N LYS B 148 24.23 34.12 11.15
CA LYS B 148 23.88 34.10 12.56
C LYS B 148 23.53 35.50 13.07
N GLU B 149 24.05 36.53 12.41
CA GLU B 149 23.79 37.91 12.82
C GLU B 149 22.37 38.31 12.45
N GLU B 150 21.84 37.69 11.40
CA GLU B 150 20.43 37.86 11.06
C GLU B 150 19.54 36.97 11.91
N LEU B 151 19.98 35.73 12.11
CA LEU B 151 19.25 34.75 12.90
C LEU B 151 18.96 35.23 14.32
N LYS B 152 19.98 35.76 14.98
CA LYS B 152 19.78 36.28 16.33
C LYS B 152 18.84 37.50 16.28
N LYS B 153 18.83 38.20 15.15
CA LYS B 153 17.92 39.31 14.97
C LYS B 153 16.53 38.80 14.66
N GLY B 154 16.41 37.49 14.47
CA GLY B 154 15.13 36.84 14.29
C GLY B 154 14.79 36.44 12.86
N ALA B 155 15.75 36.54 11.95
CA ALA B 155 15.56 36.19 10.55
C ALA B 155 15.38 34.69 10.40
N SER B 156 14.67 34.26 9.36
CA SER B 156 14.51 32.84 9.12
C SER B 156 15.76 32.29 8.49
N TYR B 157 15.79 30.98 8.32
CA TYR B 157 16.92 30.29 7.73
C TYR B 157 17.17 30.76 6.30
N PRO B 158 16.18 30.61 5.40
CA PRO B 158 16.48 30.93 4.00
C PRO B 158 16.64 32.43 3.81
N ALA B 159 15.98 33.21 4.65
CA ALA B 159 16.09 34.65 4.57
C ALA B 159 17.48 35.06 4.98
N ALA B 160 17.90 34.61 6.17
CA ALA B 160 19.20 35.00 6.70
C ALA B 160 20.31 34.49 5.79
N ALA B 161 20.04 33.39 5.09
CA ALA B 161 21.00 32.87 4.15
C ALA B 161 20.99 33.70 2.87
N ALA B 162 19.82 34.14 2.46
CA ALA B 162 19.67 34.94 1.24
C ALA B 162 20.34 36.28 1.42
N ILE B 163 20.33 36.74 2.67
CA ILE B 163 20.92 38.00 3.05
C ILE B 163 22.43 37.89 3.19
N ALA B 164 22.88 36.86 3.90
CA ALA B 164 24.29 36.61 4.04
C ALA B 164 24.95 36.38 2.67
N PHE B 165 24.22 35.73 1.77
CA PHE B 165 24.74 35.46 0.43
C PHE B 165 24.66 36.67 -0.47
N SER B 166 23.63 37.50 -0.30
CA SER B 166 23.53 38.70 -1.13
C SER B 166 24.42 39.81 -0.59
N SER B 167 25.09 39.53 0.53
CA SER B 167 26.13 40.40 1.03
C SER B 167 27.32 40.31 0.10
N ILE B 168 27.27 39.34 -0.80
CA ILE B 168 28.25 39.16 -1.86
C ILE B 168 27.55 38.63 -3.11
N LEU B 169 28.29 38.35 -4.17
CA LEU B 169 27.75 37.68 -5.36
C LEU B 169 26.70 38.49 -6.13
N HIS B 170 26.24 39.60 -5.57
CA HIS B 170 25.06 40.28 -6.12
C HIS B 170 25.45 41.29 -7.23
N THR B 171 26.70 41.26 -7.66
CA THR B 171 27.13 42.17 -8.70
C THR B 171 26.43 41.83 -10.03
N GLU B 172 26.78 42.55 -11.10
CA GLU B 172 26.10 42.41 -12.38
C GLU B 172 26.22 41.02 -13.00
N SER B 173 27.01 40.16 -12.37
CA SER B 173 27.33 38.83 -12.90
C SER B 173 26.11 38.06 -13.37
N ALA B 174 24.98 38.32 -12.72
CA ALA B 174 23.80 37.49 -12.88
C ALA B 174 24.20 36.06 -12.54
N LEU B 175 24.06 35.14 -13.49
CA LEU B 175 24.10 33.71 -13.20
C LEU B 175 23.11 33.53 -12.07
N ASP B 176 21.83 33.64 -12.40
CA ASP B 176 20.84 33.46 -11.37
C ASP B 176 20.91 32.02 -10.90
N LEU B 177 21.15 31.85 -9.60
CA LEU B 177 21.08 30.54 -9.00
C LEU B 177 19.64 30.35 -8.54
N SER B 178 18.79 31.30 -8.93
CA SER B 178 17.37 31.09 -8.86
C SER B 178 16.93 30.18 -10.00
N LYS B 179 17.86 29.89 -10.90
CA LYS B 179 17.60 29.03 -12.05
C LYS B 179 18.14 27.60 -11.84
N PRO B 180 17.31 26.59 -12.14
CA PRO B 180 17.55 25.20 -11.73
C PRO B 180 18.84 24.62 -12.28
N ASN B 181 19.17 24.96 -13.52
CA ASN B 181 20.36 24.41 -14.14
C ASN B 181 21.60 25.07 -13.60
N ASN B 182 21.48 26.34 -13.25
CA ASN B 182 22.57 27.04 -12.59
C ASN B 182 22.80 26.45 -11.20
N ILE B 183 21.70 26.12 -10.53
CA ILE B 183 21.77 25.39 -9.26
C ILE B 183 22.50 24.06 -9.40
N LEU B 184 21.96 23.15 -10.23
CA LEU B 184 22.55 21.83 -10.40
C LEU B 184 24.00 21.92 -10.83
N GLY B 185 24.32 22.90 -11.67
CA GLY B 185 25.65 23.04 -12.23
C GLY B 185 26.63 23.57 -11.22
N TYR B 186 26.20 24.58 -10.49
CA TYR B 186 26.99 25.09 -9.39
C TYR B 186 27.25 23.98 -8.40
N GLN B 187 26.28 23.09 -8.26
CA GLN B 187 26.40 22.03 -7.28
C GLN B 187 27.31 20.91 -7.75
N TYR B 188 27.30 20.61 -9.05
CA TYR B 188 28.26 19.66 -9.60
C TYR B 188 29.66 20.19 -9.38
N VAL B 189 29.87 21.44 -9.81
CA VAL B 189 31.16 22.10 -9.70
C VAL B 189 31.64 22.16 -8.25
N THR B 190 30.71 22.43 -7.34
CA THR B 190 30.99 22.48 -5.91
C THR B 190 31.39 21.11 -5.38
N SER B 191 30.67 20.09 -5.82
CA SER B 191 30.99 18.72 -5.44
C SER B 191 32.41 18.39 -5.88
N ILE B 192 32.72 18.78 -7.11
CA ILE B 192 34.05 18.56 -7.67
C ILE B 192 35.11 19.22 -6.80
N LEU B 193 35.10 20.56 -6.76
CA LEU B 193 36.12 21.33 -6.05
C LEU B 193 36.24 20.82 -4.63
N THR B 194 35.12 20.77 -3.92
CA THR B 194 35.12 20.30 -2.54
C THR B 194 35.82 18.95 -2.46
N GLY B 195 35.48 18.06 -3.40
CA GLY B 195 36.09 16.74 -3.45
C GLY B 195 37.47 16.69 -4.08
N GLY B 196 37.86 17.75 -4.78
CA GLY B 196 39.19 17.80 -5.39
C GLY B 196 39.32 16.80 -6.53
N TYR B 197 38.19 16.41 -7.08
CA TYR B 197 38.17 15.46 -8.19
C TYR B 197 38.96 15.99 -9.37
N PRO B 198 39.82 15.14 -9.94
CA PRO B 198 40.56 15.48 -11.16
C PRO B 198 39.67 15.31 -12.40
N MET B 199 38.50 15.94 -12.32
CA MET B 199 37.52 15.89 -13.38
C MET B 199 37.17 17.32 -13.70
N LYS B 200 37.51 17.78 -14.90
CA LYS B 200 37.20 19.16 -15.28
C LYS B 200 35.79 19.33 -15.81
N PRO B 201 35.05 20.26 -15.21
CA PRO B 201 33.68 20.65 -15.58
C PRO B 201 33.58 21.59 -16.80
N TYR B 202 32.49 21.46 -17.57
CA TYR B 202 32.19 22.31 -18.73
C TYR B 202 30.68 22.57 -18.79
N THR B 203 30.28 23.68 -19.38
CA THR B 203 28.86 23.97 -19.51
C THR B 203 28.50 24.79 -20.73
N THR B 204 27.24 24.69 -21.15
CA THR B 204 26.73 25.59 -22.20
C THR B 204 25.26 25.94 -22.00
N ALA B 205 24.79 26.95 -22.71
CA ALA B 205 23.42 27.44 -22.61
C ALA B 205 22.40 26.48 -23.21
N ARG B 206 21.12 26.70 -22.90
CA ARG B 206 20.06 25.86 -23.44
C ARG B 206 19.07 26.58 -24.36
N ILE B 207 18.92 26.06 -25.59
CA ILE B 207 17.84 26.49 -26.48
C ILE B 207 17.42 25.35 -27.40
N ASN B 221 12.78 18.10 -34.96
CA ASN B 221 14.02 18.82 -35.14
C ASN B 221 14.24 19.86 -34.09
N HIS B 222 13.15 20.51 -33.68
CA HIS B 222 13.24 21.68 -32.80
C HIS B 222 13.33 21.23 -31.33
N ILE B 223 13.27 22.18 -30.40
CA ILE B 223 13.52 21.92 -29.01
C ILE B 223 12.49 22.58 -28.11
N ALA B 224 11.71 21.77 -27.41
CA ALA B 224 10.95 22.23 -26.25
C ALA B 224 11.32 21.39 -25.04
N SER B 225 10.80 21.79 -23.88
CA SER B 225 11.26 21.22 -22.62
C SER B 225 10.75 19.82 -22.42
N ALA B 226 11.48 19.05 -21.62
CA ALA B 226 11.07 17.70 -21.29
C ALA B 226 9.69 17.72 -20.69
N THR B 227 9.42 18.79 -19.93
CA THR B 227 8.15 18.91 -19.22
C THR B 227 7.01 19.36 -20.11
N SER B 228 7.27 20.32 -21.01
CA SER B 228 6.26 20.72 -21.98
C SER B 228 5.89 19.52 -22.84
N ILE B 229 6.91 18.78 -23.25
CA ILE B 229 6.72 17.51 -23.96
C ILE B 229 5.87 16.55 -23.14
N ARG B 230 6.23 16.37 -21.88
CA ARG B 230 5.55 15.44 -20.97
C ARG B 230 4.07 15.74 -20.89
N LYS B 231 3.76 16.95 -20.46
CA LYS B 231 2.39 17.41 -20.32
C LYS B 231 1.67 17.36 -21.66
N ALA B 232 2.43 17.39 -22.75
CA ALA B 232 1.86 17.25 -24.08
C ALA B 232 1.51 15.79 -24.38
N MET B 233 2.25 14.86 -23.81
CA MET B 233 1.89 13.45 -23.94
C MET B 233 0.70 13.13 -23.03
N ILE B 234 0.64 13.80 -21.87
CA ILE B 234 -0.49 13.68 -20.96
C ILE B 234 -1.74 14.18 -21.67
N GLY B 235 -1.54 15.09 -22.62
CA GLY B 235 -2.62 15.66 -23.39
C GLY B 235 -2.95 14.85 -24.62
N GLN B 236 -2.61 13.56 -24.57
CA GLN B 236 -2.96 12.59 -25.62
C GLN B 236 -2.28 12.93 -26.96
N ASN B 237 -1.13 13.58 -26.87
CA ASN B 237 -0.31 13.96 -28.02
C ASN B 237 1.12 13.43 -27.95
N LEU B 238 1.53 12.65 -28.94
CA LEU B 238 2.89 12.10 -28.99
C LEU B 238 3.67 12.66 -30.16
N GLU B 239 3.17 12.43 -31.37
CA GLU B 239 3.85 12.89 -32.58
C GLU B 239 3.89 14.40 -32.67
N ALA B 240 3.03 15.08 -31.91
CA ALA B 240 3.09 16.52 -31.80
C ALA B 240 4.47 16.92 -31.31
N CYS B 241 5.04 16.06 -30.47
CA CYS B 241 6.37 16.26 -29.89
C CYS B 241 7.50 15.87 -30.84
N LEU B 242 7.18 15.19 -31.93
CA LEU B 242 8.23 14.55 -32.72
C LEU B 242 9.28 15.53 -33.25
N ARG B 243 8.90 16.80 -33.39
CA ARG B 243 9.89 17.81 -33.69
C ARG B 243 10.81 18.01 -32.49
N PHE B 244 10.28 17.76 -31.29
CA PHE B 244 11.02 18.00 -30.06
C PHE B 244 11.75 16.76 -29.54
N LEU B 245 11.64 15.66 -30.26
CA LEU B 245 12.26 14.39 -29.86
C LEU B 245 13.04 13.74 -31.00
N PRO B 246 14.19 13.13 -30.69
CA PRO B 246 14.83 12.31 -31.71
C PRO B 246 14.00 11.07 -32.05
N ALA B 247 14.47 10.28 -33.02
CA ALA B 247 13.72 9.14 -33.53
C ALA B 247 13.64 8.03 -32.51
N ALA B 248 14.80 7.62 -32.02
CA ALA B 248 14.91 6.55 -31.03
C ALA B 248 14.01 6.78 -29.82
N SER B 249 13.99 8.02 -29.33
CA SER B 249 13.21 8.38 -28.16
C SER B 249 11.70 8.13 -28.34
N ALA B 250 11.14 8.67 -29.42
CA ALA B 250 9.73 8.45 -29.72
C ALA B 250 9.44 6.97 -30.02
N ARG B 251 10.30 6.37 -30.84
CA ARG B 251 10.22 4.95 -31.17
C ARG B 251 10.15 4.09 -29.91
N GLU B 252 10.83 4.55 -28.86
CA GLU B 252 10.91 3.83 -27.59
C GLU B 252 9.66 4.01 -26.71
N LEU B 253 9.27 5.26 -26.55
CA LEU B 253 8.08 5.61 -25.80
C LEU B 253 6.87 4.82 -26.33
N ALA B 254 6.71 4.85 -27.64
CA ALA B 254 5.60 4.15 -28.28
C ALA B 254 5.50 2.68 -27.85
N ALA B 255 6.62 1.97 -27.87
CA ALA B 255 6.62 0.55 -27.51
C ALA B 255 6.40 0.37 -26.01
N TYR B 256 6.73 1.38 -25.22
CA TYR B 256 6.47 1.26 -23.79
C TYR B 256 4.96 1.30 -23.55
N ARG B 257 4.33 2.44 -23.85
CA ARG B 257 2.89 2.54 -23.63
C ARG B 257 2.14 1.44 -24.38
N LYS B 258 2.76 0.92 -25.44
CA LYS B 258 2.14 -0.19 -26.14
C LYS B 258 2.13 -1.41 -25.24
N SER B 259 3.27 -1.73 -24.64
CA SER B 259 3.33 -2.96 -23.87
C SER B 259 2.61 -2.88 -22.53
N PHE B 260 2.88 -1.85 -21.76
CA PHE B 260 2.34 -1.81 -20.40
C PHE B 260 1.11 -0.91 -20.24
N GLY B 261 0.68 -0.31 -21.35
CA GLY B 261 -0.57 0.43 -21.38
C GLY B 261 -0.63 1.71 -20.55
N LEU B 262 0.52 2.28 -20.23
CA LEU B 262 0.54 3.54 -19.49
C LEU B 262 1.81 4.36 -19.67
N TRP B 263 1.67 5.67 -19.53
CA TRP B 263 2.79 6.54 -19.21
C TRP B 263 2.70 6.83 -17.71
N HIS B 264 3.79 6.71 -16.98
CA HIS B 264 3.71 6.81 -15.52
C HIS B 264 3.63 8.26 -15.04
N THR B 265 2.54 8.58 -14.33
CA THR B 265 2.34 9.92 -13.79
C THR B 265 2.34 9.84 -12.27
N PRO B 266 2.72 10.93 -11.60
CA PRO B 266 2.59 10.96 -10.14
C PRO B 266 1.17 10.62 -9.67
N GLU B 267 0.16 11.07 -10.41
CA GLU B 267 -1.22 10.86 -10.03
C GLU B 267 -1.55 9.38 -10.03
N SER B 268 -0.92 8.63 -10.94
CA SER B 268 -1.21 7.22 -11.12
C SER B 268 -0.96 6.39 -9.85
N TYR B 269 -0.14 6.92 -8.95
CA TYR B 269 0.22 6.24 -7.73
C TYR B 269 -0.59 6.70 -6.53
N PHE B 270 -1.55 7.61 -6.76
CA PHE B 270 -2.32 8.21 -5.65
C PHE B 270 -3.02 7.17 -4.78
N SER B 271 -3.61 6.16 -5.40
CA SER B 271 -4.25 5.10 -4.64
C SER B 271 -3.28 4.50 -3.63
N TYR B 272 -2.05 4.24 -4.10
CA TYR B 272 -1.06 3.57 -3.26
C TYR B 272 -0.49 4.54 -2.24
N LEU B 273 -0.73 5.82 -2.45
CA LEU B 273 -0.40 6.79 -1.43
C LEU B 273 -1.48 6.66 -0.37
N LYS B 274 -2.73 6.69 -0.85
CA LYS B 274 -3.89 6.61 0.03
C LYS B 274 -3.74 5.39 0.90
N TYR B 275 -3.74 4.24 0.24
CA TYR B 275 -3.54 2.98 0.91
C TYR B 275 -2.38 3.00 1.90
N SER B 276 -1.23 3.52 1.47
CA SER B 276 -0.03 3.42 2.28
C SER B 276 -0.15 4.30 3.50
N LEU B 277 -0.87 5.41 3.37
CA LEU B 277 -1.05 6.30 4.50
C LEU B 277 -2.20 5.82 5.35
N SER B 278 -2.96 4.88 4.83
CA SER B 278 -4.14 4.39 5.52
C SER B 278 -3.75 3.42 6.62
N THR B 279 -2.65 2.71 6.43
CA THR B 279 -2.21 1.68 7.35
C THR B 279 -1.19 2.11 8.41
N VAL B 280 -0.63 3.31 8.24
CA VAL B 280 0.49 3.76 9.07
C VAL B 280 0.01 4.61 10.25
N THR B 281 0.68 4.50 11.39
CA THR B 281 0.36 5.37 12.54
C THR B 281 1.13 6.69 12.43
N ALA B 282 0.92 7.57 13.40
CA ALA B 282 1.62 8.85 13.42
C ALA B 282 3.12 8.64 13.60
N ARG B 283 3.48 7.89 14.63
CA ARG B 283 4.86 7.66 14.99
C ARG B 283 5.67 6.95 13.90
N GLU B 284 5.03 6.03 13.19
CA GLU B 284 5.70 5.34 12.09
C GLU B 284 5.94 6.27 10.90
N LEU B 285 5.00 7.19 10.64
CA LEU B 285 5.09 8.11 9.52
C LEU B 285 6.06 9.23 9.85
N GLN B 286 6.25 9.46 11.14
CA GLN B 286 7.21 10.44 11.61
C GLN B 286 8.60 10.01 11.20
N GLN B 287 8.80 8.70 11.07
CA GLN B 287 10.12 8.17 10.81
C GLN B 287 10.48 8.09 9.33
N VAL B 288 9.53 8.40 8.46
CA VAL B 288 9.83 8.40 7.03
C VAL B 288 10.66 9.64 6.67
N TYR B 289 11.69 9.40 5.86
CA TYR B 289 12.59 10.44 5.40
C TYR B 289 11.81 11.61 4.79
N GLU B 290 12.26 12.82 5.13
CA GLU B 290 11.66 14.09 4.68
C GLU B 290 10.27 14.35 5.22
N VAL B 291 9.92 13.74 6.34
CA VAL B 291 8.69 14.12 7.04
C VAL B 291 9.08 14.79 8.34
N GLU B 292 8.89 16.11 8.41
CA GLU B 292 9.30 16.85 9.59
C GLU B 292 8.40 16.48 10.76
N GLU B 293 8.89 16.70 11.97
CA GLU B 293 8.13 16.37 13.17
C GLU B 293 6.79 17.10 13.21
N GLY B 294 5.72 16.34 13.42
CA GLY B 294 4.41 16.91 13.62
C GLY B 294 3.56 17.00 12.37
N LEU B 295 4.19 16.96 11.22
CA LEU B 295 3.49 17.10 9.96
C LEU B 295 2.73 15.82 9.61
N GLU B 296 3.04 14.75 10.34
CA GLU B 296 2.42 13.46 10.09
C GLU B 296 0.91 13.55 10.31
N HIS B 297 0.51 14.38 11.26
CA HIS B 297 -0.90 14.58 11.53
C HIS B 297 -1.60 15.26 10.36
N ARG B 298 -1.00 16.31 9.84
CA ARG B 298 -1.55 17.00 8.69
C ARG B 298 -1.64 16.07 7.48
N ILE B 299 -0.62 15.23 7.29
CA ILE B 299 -0.57 14.29 6.16
C ILE B 299 -1.70 13.29 6.23
N ILE B 300 -1.79 12.65 7.39
CA ILE B 300 -2.78 11.63 7.66
C ILE B 300 -4.21 12.16 7.58
N ARG B 301 -4.42 13.37 8.11
CA ARG B 301 -5.71 14.05 8.03
C ARG B 301 -6.09 14.46 6.61
N SER B 302 -5.11 14.95 5.85
CA SER B 302 -5.36 15.50 4.52
C SER B 302 -5.56 14.43 3.44
N ILE B 303 -4.87 13.31 3.57
CA ILE B 303 -4.97 12.26 2.55
C ILE B 303 -6.39 11.71 2.49
N ARG B 304 -7.07 11.70 3.62
CA ARG B 304 -8.44 11.18 3.70
C ARG B 304 -9.39 12.01 2.88
N LYS B 305 -9.25 13.32 3.01
CA LYS B 305 -10.17 14.27 2.45
C LYS B 305 -9.78 14.73 1.05
N SER B 306 -8.74 14.14 0.49
CA SER B 306 -8.27 14.56 -0.84
C SER B 306 -8.56 13.53 -1.92
N SER B 307 -9.47 13.87 -2.84
CA SER B 307 -9.81 12.99 -3.95
C SER B 307 -8.80 13.14 -5.08
N SER B 308 -7.85 14.02 -4.89
CA SER B 308 -6.83 14.27 -5.89
C SER B 308 -5.48 14.57 -5.26
N TYR B 309 -4.45 13.97 -5.84
CA TYR B 309 -3.06 14.23 -5.50
C TYR B 309 -2.81 15.74 -5.39
N GLN B 310 -3.42 16.50 -6.28
CA GLN B 310 -3.36 17.96 -6.23
C GLN B 310 -3.93 18.55 -4.93
N GLU B 311 -5.13 18.11 -4.57
CA GLU B 311 -5.78 18.59 -3.35
C GLU B 311 -4.95 18.22 -2.14
N PHE B 312 -4.47 16.99 -2.15
CA PHE B 312 -3.56 16.48 -1.14
C PHE B 312 -2.40 17.46 -0.94
N MET B 313 -1.74 17.79 -2.06
CA MET B 313 -0.63 18.74 -2.03
C MET B 313 -1.01 20.09 -1.41
N GLU B 314 -2.04 20.74 -1.95
CA GLU B 314 -2.43 22.05 -1.44
C GLU B 314 -2.80 22.02 0.02
N LEU B 315 -3.25 20.86 0.48
CA LEU B 315 -3.58 20.70 1.88
C LEU B 315 -2.31 20.55 2.70
N LEU B 316 -1.24 20.13 2.03
CA LEU B 316 0.02 19.88 2.71
C LEU B 316 1.03 21.03 2.83
N LYS B 317 0.82 22.10 2.07
CA LYS B 317 1.88 23.09 1.90
C LYS B 317 2.21 23.95 3.13
N THR B 318 3.46 23.91 3.54
CA THR B 318 4.01 24.82 4.54
C THR B 318 5.28 25.44 3.98
N LYS B 319 5.57 26.67 4.41
CA LYS B 319 6.65 27.45 3.80
C LYS B 319 8.02 26.83 4.04
N ARG B 320 8.09 25.81 4.89
CA ARG B 320 9.31 25.02 5.09
C ARG B 320 9.40 23.92 4.03
N TYR B 321 8.40 23.86 3.16
CA TYR B 321 8.33 22.87 2.09
C TYR B 321 8.23 23.53 0.73
N THR B 322 9.16 23.20 -0.16
CA THR B 322 9.00 23.54 -1.56
C THR B 322 7.94 22.59 -2.09
N TRP B 323 7.59 22.69 -3.36
CA TRP B 323 6.65 21.72 -3.90
C TRP B 323 7.38 20.44 -4.26
N THR B 324 8.60 20.58 -4.76
CA THR B 324 9.42 19.42 -5.08
C THR B 324 9.72 18.60 -3.83
N ARG B 325 9.93 19.27 -2.70
CA ARG B 325 10.23 18.57 -1.47
C ARG B 325 9.02 17.78 -0.99
N LEU B 326 7.84 18.31 -1.26
CA LEU B 326 6.60 17.61 -0.96
C LEU B 326 6.48 16.37 -1.84
N GLN B 327 6.74 16.52 -3.14
CA GLN B 327 6.76 15.36 -4.03
C GLN B 327 7.73 14.28 -3.58
N ARG B 328 8.98 14.69 -3.33
CA ARG B 328 10.02 13.81 -2.79
C ARG B 328 9.54 13.08 -1.55
N MET B 329 9.01 13.84 -0.60
CA MET B 329 8.40 13.27 0.60
C MET B 329 7.35 12.21 0.26
N ASN B 330 6.50 12.51 -0.71
CA ASN B 330 5.45 11.60 -1.12
C ASN B 330 6.03 10.31 -1.67
N THR B 331 7.14 10.41 -2.38
CA THR B 331 7.80 9.23 -2.88
C THR B 331 8.33 8.40 -1.74
N HIS B 332 9.01 9.05 -0.79
CA HIS B 332 9.56 8.33 0.36
C HIS B 332 8.48 7.64 1.15
N ILE B 333 7.30 8.28 1.22
CA ILE B 333 6.15 7.64 1.84
C ILE B 333 5.80 6.39 1.04
N LEU B 334 5.63 6.55 -0.27
CA LEU B 334 5.29 5.45 -1.17
C LEU B 334 6.22 4.25 -1.08
N THR B 335 7.52 4.51 -0.99
CA THR B 335 8.50 3.43 -0.95
C THR B 335 8.87 3.10 0.48
N ARG B 336 8.28 3.83 1.42
CA ARG B 336 8.53 3.64 2.84
C ARG B 336 10.02 3.73 3.16
N THR B 337 10.65 4.82 2.74
CA THR B 337 12.05 5.04 3.05
C THR B 337 12.19 5.82 4.33
N LYS B 338 12.88 5.24 5.30
CA LYS B 338 12.92 5.79 6.66
C LYS B 338 14.11 6.69 6.91
N LYS B 339 13.91 7.67 7.79
CA LYS B 339 14.98 8.58 8.20
C LYS B 339 16.28 7.86 8.49
N GLN B 340 16.24 6.73 9.17
CA GLN B 340 17.49 6.06 9.54
C GLN B 340 18.07 5.29 8.37
N ASP B 341 17.20 4.74 7.52
CA ASP B 341 17.66 4.16 6.25
C ASP B 341 18.52 5.21 5.57
N MET B 342 17.84 6.28 5.20
CA MET B 342 18.43 7.31 4.37
C MET B 342 19.61 7.99 5.01
N GLN B 343 19.53 8.29 6.29
CA GLN B 343 20.63 9.03 6.92
C GLN B 343 21.81 8.15 7.30
N LYS B 344 21.56 6.87 7.56
CA LYS B 344 22.69 5.99 7.83
C LYS B 344 23.40 5.67 6.51
N LEU B 345 22.64 5.68 5.41
CA LEU B 345 23.24 5.48 4.09
C LEU B 345 23.85 6.75 3.46
N LEU B 346 23.37 7.92 3.82
CA LEU B 346 23.85 9.16 3.21
C LEU B 346 25.21 9.53 3.77
N ASP B 347 25.55 8.95 4.92
CA ASP B 347 26.74 9.35 5.66
C ASP B 347 28.01 9.16 4.84
N ASN B 348 28.13 8.02 4.17
CA ASN B 348 29.36 7.67 3.47
C ASN B 348 29.77 8.68 2.39
N ASP B 349 31.08 8.79 2.17
CA ASP B 349 31.62 9.77 1.21
C ASP B 349 31.97 9.15 -0.14
N LYS B 350 31.75 7.84 -0.29
CA LYS B 350 31.89 7.22 -1.59
C LYS B 350 30.57 6.55 -2.01
N ALA B 351 30.53 6.04 -3.24
CA ALA B 351 29.32 5.42 -3.77
C ALA B 351 29.34 3.91 -3.47
N PRO B 352 28.17 3.32 -3.16
CA PRO B 352 28.15 1.94 -2.65
C PRO B 352 28.47 0.86 -3.69
N TYR B 353 28.16 1.16 -4.95
CA TYR B 353 28.33 0.23 -6.05
C TYR B 353 28.16 0.98 -7.37
N ILE B 354 28.38 0.30 -8.50
CA ILE B 354 28.06 0.85 -9.81
C ILE B 354 27.08 -0.08 -10.54
N ARG B 355 25.84 0.38 -10.72
CA ARG B 355 24.85 -0.41 -11.48
C ARG B 355 25.00 -0.11 -12.96
N LEU B 356 25.29 -1.11 -13.77
CA LEU B 356 25.43 -0.91 -15.20
C LEU B 356 24.09 -1.12 -15.88
N LEU B 357 23.49 -0.02 -16.36
CA LEU B 357 22.21 -0.15 -17.06
C LEU B 357 22.39 -0.47 -18.54
N GLY B 358 23.34 0.16 -19.21
CA GLY B 358 23.51 -0.09 -20.63
C GLY B 358 24.83 0.40 -21.18
N MET B 359 25.25 -0.14 -22.30
CA MET B 359 26.54 0.24 -22.86
C MET B 359 26.58 0.07 -24.37
N THR B 360 27.38 0.91 -25.01
CA THR B 360 27.63 0.82 -26.44
C THR B 360 28.88 -0.02 -26.67
N LYS B 361 29.39 0.01 -27.88
CA LYS B 361 30.69 -0.57 -28.20
C LYS B 361 31.79 0.21 -27.47
N LYS B 362 31.77 1.53 -27.66
CA LYS B 362 32.67 2.43 -26.98
C LYS B 362 32.54 2.25 -25.47
N GLY B 363 31.30 2.28 -25.01
CA GLY B 363 31.02 2.08 -23.59
C GLY B 363 31.64 0.80 -23.08
N GLN B 364 31.42 -0.30 -23.80
CA GLN B 364 31.94 -1.59 -23.40
C GLN B 364 33.45 -1.55 -23.27
N ALA B 365 34.11 -0.95 -24.26
CA ALA B 365 35.55 -0.93 -24.24
C ALA B 365 36.06 -0.10 -23.07
N TYR B 366 35.31 0.94 -22.71
CA TYR B 366 35.74 1.80 -21.61
C TYR B 366 35.62 1.05 -20.30
N LEU B 367 34.46 0.46 -20.10
CA LEU B 367 34.20 -0.31 -18.90
C LEU B 367 35.18 -1.47 -18.77
N SER B 368 35.65 -2.00 -19.90
CA SER B 368 36.63 -3.07 -19.88
C SER B 368 38.02 -2.56 -19.50
N GLU B 369 38.38 -1.42 -20.06
CA GLU B 369 39.68 -0.83 -19.72
C GLU B 369 39.73 -0.53 -18.22
N LYS B 370 38.68 0.08 -17.67
CA LYS B 370 38.70 0.52 -16.26
C LYS B 370 38.07 -0.42 -15.25
N LYS B 371 37.62 -1.58 -15.69
CA LYS B 371 36.86 -2.52 -14.86
C LYS B 371 37.54 -2.80 -13.51
N LYS B 372 38.81 -3.22 -13.56
CA LYS B 372 39.56 -3.60 -12.37
C LYS B 372 39.79 -2.43 -11.43
N ALA B 373 39.57 -1.22 -11.92
CA ALA B 373 39.89 -0.03 -11.15
C ALA B 373 38.83 0.31 -10.12
N LEU B 374 37.62 -0.19 -10.33
CA LEU B 374 36.52 0.19 -9.47
C LEU B 374 36.76 -0.22 -8.02
N SER B 375 36.68 0.75 -7.12
CA SER B 375 36.94 0.48 -5.70
C SER B 375 35.68 -0.10 -5.04
N VAL B 376 34.62 -0.15 -5.82
CA VAL B 376 33.33 -0.58 -5.34
C VAL B 376 32.79 -1.59 -6.33
N PRO B 377 31.86 -2.46 -5.90
CA PRO B 377 31.39 -3.54 -6.81
C PRO B 377 30.76 -3.04 -8.10
N LEU B 378 30.92 -3.81 -9.18
CA LEU B 378 30.24 -3.53 -10.43
C LEU B 378 29.08 -4.49 -10.57
N VAL B 379 27.87 -3.97 -10.41
CA VAL B 379 26.65 -4.78 -10.42
C VAL B 379 26.02 -4.85 -11.81
N SER B 380 26.08 -6.03 -12.41
CA SER B 380 25.43 -6.27 -13.71
C SER B 380 24.19 -7.13 -13.51
N LYS B 381 24.42 -8.41 -13.23
CA LYS B 381 23.38 -9.26 -12.66
C LYS B 381 23.17 -8.81 -11.23
N LEU B 382 21.92 -8.61 -10.83
CA LEU B 382 21.64 -8.23 -9.47
C LEU B 382 22.10 -9.30 -8.50
N SER B 383 22.03 -10.54 -8.95
CA SER B 383 22.40 -11.71 -8.16
C SER B 383 23.77 -11.53 -7.50
N SER B 384 24.67 -10.87 -8.21
CA SER B 384 26.07 -10.79 -7.82
C SER B 384 26.29 -10.14 -6.46
N PHE B 385 25.49 -9.14 -6.13
CA PHE B 385 25.76 -8.31 -4.94
C PHE B 385 24.47 -7.80 -4.31
N SER B 386 24.47 -7.74 -2.98
CA SER B 386 23.31 -7.29 -2.23
C SER B 386 23.73 -6.19 -1.26
N HIS B 387 22.97 -5.10 -1.27
CA HIS B 387 23.31 -3.92 -0.50
C HIS B 387 22.03 -3.21 -0.09
N PRO B 388 22.00 -2.58 1.09
CA PRO B 388 20.81 -1.87 1.56
C PRO B 388 20.36 -0.76 0.62
N ALA B 389 21.30 -0.07 -0.02
CA ALA B 389 20.97 0.95 -1.02
C ALA B 389 20.43 0.29 -2.28
N LEU B 390 21.03 -0.84 -2.61
CA LEU B 390 20.58 -1.67 -3.71
C LEU B 390 19.17 -2.15 -3.41
N ASP B 391 18.99 -2.70 -2.22
CA ASP B 391 17.68 -3.14 -1.76
C ASP B 391 16.66 -2.02 -1.93
N LEU B 392 17.12 -0.79 -1.76
CA LEU B 392 16.25 0.36 -1.88
C LEU B 392 15.88 0.64 -3.36
N ASP B 393 16.85 0.51 -4.26
CA ASP B 393 16.53 0.71 -5.69
C ASP B 393 15.60 -0.36 -6.22
N VAL B 394 15.76 -1.58 -5.71
CA VAL B 394 14.84 -2.65 -6.07
C VAL B 394 13.46 -2.37 -5.52
N LYS B 395 13.41 -1.89 -4.28
CA LYS B 395 12.15 -1.48 -3.69
C LYS B 395 11.41 -0.52 -4.62
N ALA B 396 12.09 0.55 -5.02
CA ALA B 396 11.52 1.52 -5.98
C ALA B 396 11.10 0.85 -7.27
N SER B 397 11.89 -0.13 -7.69
CA SER B 397 11.63 -0.84 -8.93
C SER B 397 10.35 -1.67 -8.87
N ARG B 398 9.99 -2.13 -7.67
CA ARG B 398 8.72 -2.83 -7.51
C ARG B 398 7.54 -1.87 -7.35
N ILE B 399 7.78 -0.73 -6.70
CA ILE B 399 6.71 0.24 -6.53
C ILE B 399 6.35 0.87 -7.88
N TYR B 400 7.33 0.95 -8.76
CA TYR B 400 7.14 1.58 -10.06
C TYR B 400 6.06 0.90 -10.92
N SER B 401 6.04 -0.43 -10.88
CA SER B 401 5.20 -1.21 -11.76
C SER B 401 3.76 -1.32 -11.28
N LEU B 402 3.46 -0.72 -10.15
CA LEU B 402 2.14 -0.94 -9.54
C LEU B 402 0.96 -0.47 -10.42
N PRO B 403 1.06 0.72 -11.06
CA PRO B 403 -0.05 1.10 -11.95
C PRO B 403 -0.19 0.22 -13.20
N ILE B 404 0.80 -0.60 -13.51
CA ILE B 404 0.70 -1.55 -14.60
C ILE B 404 -0.35 -2.61 -14.29
N GLU B 405 -1.23 -2.87 -15.24
CA GLU B 405 -2.16 -3.99 -15.11
C GLU B 405 -1.38 -5.28 -15.23
N GLU B 406 -1.82 -6.31 -14.52
CA GLU B 406 -1.27 -7.63 -14.74
C GLU B 406 -1.96 -8.20 -15.99
N PRO B 407 -1.36 -9.22 -16.63
CA PRO B 407 -0.15 -10.02 -16.40
C PRO B 407 1.13 -9.23 -16.59
N LEU B 408 0.97 -8.06 -17.20
CA LEU B 408 2.07 -7.22 -17.65
C LEU B 408 2.98 -6.78 -16.51
N ARG B 409 2.39 -6.55 -15.34
CA ARG B 409 3.12 -6.06 -14.19
C ARG B 409 4.07 -7.12 -13.62
N THR B 410 3.57 -8.34 -13.49
CA THR B 410 4.35 -9.46 -12.96
C THR B 410 5.55 -9.71 -13.84
N GLU B 411 5.36 -9.48 -15.13
CA GLU B 411 6.41 -9.65 -16.12
C GLU B 411 7.37 -8.47 -16.11
N PHE B 412 6.83 -7.29 -15.87
CA PHE B 412 7.67 -6.11 -15.68
C PHE B 412 8.66 -6.38 -14.58
N ASP B 413 8.16 -6.94 -13.49
CA ASP B 413 8.95 -7.11 -12.27
C ASP B 413 10.13 -8.06 -12.45
N LEU B 414 10.18 -8.71 -13.61
CA LEU B 414 11.30 -9.58 -13.96
C LEU B 414 12.53 -8.77 -14.30
N GLN B 415 12.31 -7.59 -14.88
CA GLN B 415 13.40 -6.83 -15.50
C GLN B 415 14.51 -6.44 -14.54
N GLU B 416 14.24 -6.41 -13.24
CA GLU B 416 15.29 -5.97 -12.33
C GLU B 416 16.33 -7.06 -12.10
N TYR B 417 16.09 -8.27 -12.62
CA TYR B 417 16.97 -9.40 -12.36
C TYR B 417 17.53 -10.08 -13.60
N GLY B 418 16.62 -10.78 -14.29
CA GLY B 418 16.96 -11.64 -15.41
C GLY B 418 17.08 -10.85 -16.70
N HIS B 419 17.28 -9.54 -16.54
CA HIS B 419 17.58 -8.64 -17.65
C HIS B 419 19.10 -8.58 -17.75
N ALA B 420 19.64 -9.19 -18.80
CA ALA B 420 21.06 -9.08 -19.06
C ALA B 420 21.29 -7.64 -19.45
N PRO B 421 22.36 -7.03 -18.93
CA PRO B 421 22.63 -5.62 -19.21
C PRO B 421 22.56 -5.33 -20.70
N ILE B 422 21.84 -4.26 -21.02
CA ILE B 422 21.62 -3.87 -22.40
C ILE B 422 22.95 -3.55 -23.07
N ARG B 423 23.04 -3.91 -24.35
CA ARG B 423 24.18 -3.54 -25.17
C ARG B 423 23.67 -3.15 -26.55
N TYR B 424 24.36 -2.23 -27.21
CA TYR B 424 23.91 -1.68 -28.49
C TYR B 424 25.10 -1.38 -29.40
N ASP B 425 24.95 -1.70 -30.68
CA ASP B 425 26.04 -1.55 -31.62
C ASP B 425 25.98 -0.17 -32.25
N GLU B 426 26.97 0.65 -31.90
CA GLU B 426 27.00 2.04 -32.34
C GLU B 426 26.96 2.13 -33.85
N ASP B 427 27.77 1.31 -34.51
CA ASP B 427 27.92 1.41 -35.95
C ASP B 427 26.87 0.54 -36.61
N GLU B 428 25.94 1.20 -37.28
CA GLU B 428 24.76 0.57 -37.84
C GLU B 428 23.98 -0.27 -36.83
N GLN B 429 23.46 0.38 -35.80
CA GLN B 429 22.23 -0.03 -35.12
C GLN B 429 22.00 -1.53 -34.81
N HIS B 430 22.66 -2.10 -33.81
CA HIS B 430 22.28 -3.45 -33.34
C HIS B 430 22.22 -3.56 -31.82
N PHE B 431 21.12 -4.13 -31.29
CA PHE B 431 21.06 -4.60 -29.91
C PHE B 431 21.42 -6.09 -29.87
N LEU B 432 22.47 -6.47 -29.16
CA LEU B 432 22.98 -7.84 -29.26
C LEU B 432 22.23 -8.83 -28.37
N ASN B 433 21.20 -8.37 -27.65
CA ASN B 433 20.47 -9.24 -26.73
C ASN B 433 19.17 -9.80 -27.30
#